data_5YD6
#
_entry.id   5YD6
#
_cell.length_a   85.950
_cell.length_b   94.080
_cell.length_c   135.650
_cell.angle_alpha   90.00
_cell.angle_beta   90.00
_cell.angle_gamma   90.00
#
_symmetry.space_group_name_H-M   'P 21 21 21'
#
loop_
_entity.id
_entity.type
_entity.pdbx_description
1 polymer 'Nuclear receptor subfamily 4 group A member 2'
2 non-polymer '(~{Z})-7-[(1~{R},5~{S})-2-oxidanylidene-5-[(~{E},3~{S})-3-oxidanyloct-1-enyl]cyclopent-3-en-1-yl]hept-5-enoic acid'
3 non-polymer 'MAGNESIUM ION'
4 water water
#
_entity_poly.entity_id   1
_entity_poly.type   'polypeptide(L)'
_entity_poly.pdbx_seq_one_letter_code
;MVKEVVRTDSLKGRRGRLPSKPKSPQEPSPPSPPVSLISALVRAHVDSNPAMTSLDYSRFQANPDYQMSGDDTQHIQQFY
DLLTGSMEIIRGWAEKIPGFADLPKADQDLLFESAFLELFVLRLAYRSNPVEGKLIFCNGVVLHRLQCVRGFGEWIDSIV
EFSSNLQNMNIDISAFSCIAALAMVTERHGLKEPKRVEELQNKIVNCLKDHVTFNNGGLNRPNYLSKLLGKLPELRTLCT
QGLQRIFYLKLEDLVPPPAIIDKLFLDTLPF
;
_entity_poly.pdbx_strand_id   A,B,C,D
#
# COMPACT_ATOMS: atom_id res chain seq x y z
N VAL A 35 17.79 0.63 16.60
CA VAL A 35 17.76 1.42 17.87
C VAL A 35 16.53 2.33 17.91
N SER A 36 15.79 2.38 16.80
CA SER A 36 14.49 3.07 16.70
C SER A 36 13.54 2.74 17.87
N LEU A 37 12.71 3.70 18.27
CA LEU A 37 11.78 3.50 19.39
C LEU A 37 10.70 2.43 19.12
N ILE A 38 10.02 2.52 17.98
CA ILE A 38 9.01 1.52 17.62
C ILE A 38 9.61 0.10 17.53
N SER A 39 10.82 -0.02 16.95
CA SER A 39 11.66 -1.24 16.95
C SER A 39 11.90 -1.81 18.35
N ALA A 40 12.34 -0.93 19.27
CA ALA A 40 12.60 -1.31 20.66
C ALA A 40 11.35 -1.78 21.40
N LEU A 41 10.20 -1.17 21.09
CA LEU A 41 8.92 -1.57 21.68
C LEU A 41 8.46 -2.92 21.14
N VAL A 42 8.58 -3.12 19.82
CA VAL A 42 8.31 -4.40 19.16
C VAL A 42 9.21 -5.47 19.79
N ARG A 43 10.50 -5.13 19.97
CA ARG A 43 11.49 -6.04 20.56
C ARG A 43 11.13 -6.42 21.98
N ALA A 44 10.78 -5.43 22.80
CA ALA A 44 10.21 -5.67 24.14
C ALA A 44 9.04 -6.67 24.09
N HIS A 45 8.08 -6.43 23.21
CA HIS A 45 6.90 -7.32 23.08
C HIS A 45 7.29 -8.75 22.65
N VAL A 46 8.01 -8.86 21.52
CA VAL A 46 8.44 -10.16 20.97
C VAL A 46 9.26 -10.99 21.97
N ASP A 47 10.22 -10.37 22.65
CA ASP A 47 11.11 -11.07 23.58
C ASP A 47 10.49 -11.50 24.91
N SER A 48 9.26 -11.07 25.19
CA SER A 48 8.61 -11.41 26.43
C SER A 48 7.31 -12.19 26.23
N ASN A 49 7.13 -12.74 25.03
CA ASN A 49 5.96 -13.57 24.71
C ASN A 49 6.38 -14.98 24.30
N PRO A 50 5.52 -15.99 24.57
CA PRO A 50 5.92 -17.36 24.23
C PRO A 50 5.96 -17.60 22.72
N ALA A 51 6.82 -18.52 22.30
CA ALA A 51 6.91 -18.90 20.89
C ALA A 51 5.71 -19.75 20.48
N MET A 52 5.03 -19.35 19.40
CA MET A 52 3.90 -20.12 18.84
C MET A 52 4.36 -21.49 18.33
N THR A 53 5.66 -21.62 18.13
CA THR A 53 6.28 -22.87 17.67
C THR A 53 6.53 -23.88 18.80
N SER A 54 6.50 -23.39 20.05
CA SER A 54 6.68 -24.24 21.24
C SER A 54 5.66 -23.87 22.33
N LEU A 55 4.42 -24.28 22.09
CA LEU A 55 3.36 -24.09 23.06
C LEU A 55 3.09 -25.39 23.81
N ASP A 56 2.59 -25.25 25.03
CA ASP A 56 2.39 -26.37 25.93
C ASP A 56 0.89 -26.71 25.95
N TYR A 57 0.53 -27.72 25.16
CA TYR A 57 -0.82 -28.28 25.13
C TYR A 57 -1.05 -29.46 26.09
N SER A 58 -0.04 -29.80 26.90
CA SER A 58 -0.10 -30.99 27.77
C SER A 58 -1.20 -30.99 28.85
N ARG A 59 -1.79 -29.83 29.12
CA ARG A 59 -2.88 -29.72 30.09
C ARG A 59 -4.21 -29.34 29.43
N PHE A 60 -4.17 -29.10 28.12
CA PHE A 60 -5.33 -28.57 27.40
C PHE A 60 -6.47 -29.58 27.31
N GLN A 61 -7.68 -29.12 27.62
CA GLN A 61 -8.92 -29.93 27.51
C GLN A 61 -10.09 -29.12 26.97
N ALA A 62 -10.51 -29.43 25.74
CA ALA A 62 -11.61 -28.71 25.06
C ALA A 62 -12.97 -28.85 25.75
N ASN A 63 -13.20 -29.97 26.42
CA ASN A 63 -14.43 -30.16 27.18
C ASN A 63 -14.14 -30.88 28.52
N PRO A 64 -13.75 -30.12 29.56
CA PRO A 64 -13.37 -30.73 30.86
C PRO A 64 -14.55 -31.17 31.74
N ASP A 65 -14.30 -32.17 32.59
CA ASP A 65 -15.25 -32.63 33.62
C ASP A 65 -15.32 -31.67 34.81
N ASP A 72 -13.10 -25.23 43.71
CA ASP A 72 -11.98 -26.22 43.82
C ASP A 72 -10.62 -25.55 44.09
N THR A 73 -9.88 -26.11 45.05
CA THR A 73 -8.60 -25.59 45.54
C THR A 73 -7.55 -25.43 44.45
N GLN A 74 -7.34 -26.49 43.67
CA GLN A 74 -6.27 -26.44 42.67
C GLN A 74 -6.57 -25.56 41.46
N HIS A 75 -7.85 -25.34 41.14
CA HIS A 75 -8.21 -24.37 40.10
C HIS A 75 -7.91 -22.93 40.54
N ILE A 76 -8.22 -22.61 41.80
CA ILE A 76 -7.91 -21.30 42.40
C ILE A 76 -6.39 -21.10 42.46
N GLN A 77 -5.67 -22.09 42.99
CA GLN A 77 -4.20 -22.05 43.02
C GLN A 77 -3.58 -21.88 41.62
N GLN A 78 -4.18 -22.52 40.60
CA GLN A 78 -3.75 -22.33 39.19
C GLN A 78 -3.85 -20.87 38.78
N PHE A 79 -5.00 -20.26 39.11
CA PHE A 79 -5.30 -18.86 38.84
C PHE A 79 -4.23 -17.93 39.42
N TYR A 80 -3.89 -18.15 40.69
CA TYR A 80 -2.84 -17.40 41.36
C TYR A 80 -1.49 -17.60 40.70
N ASP A 81 -1.14 -18.86 40.41
CA ASP A 81 0.12 -19.23 39.75
C ASP A 81 0.29 -18.54 38.39
N LEU A 82 -0.80 -18.45 37.64
CA LEU A 82 -0.81 -17.78 36.36
C LEU A 82 -0.55 -16.31 36.50
N LEU A 83 -1.16 -15.69 37.53
CA LEU A 83 -0.94 -14.30 37.83
C LEU A 83 0.51 -14.05 38.23
N THR A 84 1.02 -14.81 39.20
CA THR A 84 2.40 -14.61 39.69
C THR A 84 3.43 -14.89 38.59
N GLY A 85 3.25 -15.97 37.83
CA GLY A 85 4.15 -16.33 36.69
C GLY A 85 4.24 -15.27 35.60
N SER A 86 3.12 -14.62 35.35
CA SER A 86 2.98 -13.50 34.45
C SER A 86 3.71 -12.22 34.94
N MET A 87 3.82 -12.06 36.27
CA MET A 87 4.39 -10.84 36.88
C MET A 87 5.83 -10.57 36.45
N GLU A 88 6.69 -11.56 36.64
CA GLU A 88 8.10 -11.42 36.29
C GLU A 88 8.32 -11.25 34.79
N ILE A 89 7.43 -11.81 33.97
CA ILE A 89 7.59 -11.68 32.52
C ILE A 89 7.19 -10.28 32.05
N ILE A 90 6.14 -9.71 32.63
CA ILE A 90 5.73 -8.35 32.31
C ILE A 90 6.74 -7.31 32.81
N ARG A 91 7.22 -7.49 34.04
CA ARG A 91 8.29 -6.61 34.57
C ARG A 91 9.50 -6.62 33.62
N GLY A 92 9.87 -7.81 33.13
CA GLY A 92 10.91 -7.96 32.13
C GLY A 92 10.65 -7.28 30.80
N TRP A 93 9.40 -7.26 30.36
CA TRP A 93 8.97 -6.45 29.21
C TRP A 93 9.11 -4.94 29.52
N ALA A 94 8.71 -4.56 30.75
CA ALA A 94 8.71 -3.15 31.19
C ALA A 94 10.14 -2.59 31.12
N GLU A 95 11.09 -3.36 31.63
CA GLU A 95 12.49 -2.97 31.66
C GLU A 95 13.14 -2.75 30.28
N LYS A 96 12.57 -3.39 29.25
CA LYS A 96 13.01 -3.25 27.85
C LYS A 96 12.34 -2.09 27.09
N ILE A 97 11.49 -1.33 27.77
CA ILE A 97 10.96 -0.07 27.20
C ILE A 97 12.04 1.00 27.43
N PRO A 98 12.51 1.67 26.34
CA PRO A 98 13.54 2.71 26.49
C PRO A 98 13.05 3.80 27.38
N GLY A 99 13.89 4.21 28.34
CA GLY A 99 13.54 5.26 29.27
C GLY A 99 12.93 4.72 30.55
N PHE A 100 12.27 3.55 30.47
CA PHE A 100 11.64 2.95 31.65
C PHE A 100 12.63 2.65 32.78
N ALA A 101 13.74 1.99 32.44
CA ALA A 101 14.82 1.60 33.38
C ALA A 101 15.54 2.81 33.99
N ASP A 102 15.30 3.98 33.40
CA ASP A 102 15.96 5.21 33.77
C ASP A 102 15.22 5.94 34.88
N LEU A 103 13.98 5.53 35.15
CA LEU A 103 13.16 6.13 36.19
C LEU A 103 13.62 5.62 37.55
N PRO A 104 13.39 6.39 38.66
CA PRO A 104 13.61 5.85 40.02
C PRO A 104 12.84 4.55 40.24
N LYS A 105 13.41 3.68 41.05
CA LYS A 105 12.84 2.36 41.33
C LYS A 105 11.39 2.47 41.82
N ALA A 106 11.09 3.50 42.61
CA ALA A 106 9.75 3.79 43.09
C ALA A 106 8.76 4.01 41.93
N ASP A 107 9.21 4.72 40.90
CA ASP A 107 8.38 5.03 39.74
C ASP A 107 8.13 3.81 38.87
N GLN A 108 9.18 3.02 38.67
CA GLN A 108 9.07 1.74 37.98
C GLN A 108 8.01 0.85 38.66
N ASP A 109 8.12 0.68 39.97
CA ASP A 109 7.17 -0.11 40.75
C ASP A 109 5.75 0.45 40.61
N LEU A 110 5.60 1.76 40.83
CA LEU A 110 4.30 2.42 40.67
C LEU A 110 3.64 2.13 39.29
N LEU A 111 4.39 2.37 38.21
CA LEU A 111 3.88 2.15 36.83
C LEU A 111 3.54 0.68 36.58
N PHE A 112 4.47 -0.20 36.93
CA PHE A 112 4.31 -1.62 36.74
C PHE A 112 3.09 -2.16 37.49
N GLU A 113 3.09 -1.96 38.80
CA GLU A 113 2.02 -2.42 39.69
C GLU A 113 0.64 -1.89 39.33
N SER A 114 0.58 -0.63 38.91
CA SER A 114 -0.68 -0.02 38.51
C SER A 114 -1.27 -0.63 37.24
N ALA A 115 -0.40 -1.08 36.33
CA ALA A 115 -0.83 -1.50 35.00
C ALA A 115 -0.78 -3.02 34.84
N PHE A 116 -0.38 -3.72 35.90
CA PHE A 116 -0.06 -5.15 35.79
C PHE A 116 -1.22 -5.97 35.22
N LEU A 117 -2.39 -5.84 35.83
CA LEU A 117 -3.57 -6.62 35.42
C LEU A 117 -4.05 -6.21 34.05
N GLU A 118 -3.98 -4.91 33.76
CA GLU A 118 -4.20 -4.37 32.43
C GLU A 118 -3.27 -5.04 31.41
N LEU A 119 -1.99 -5.20 31.77
CA LEU A 119 -1.03 -5.84 30.90
C LEU A 119 -1.26 -7.33 30.74
N PHE A 120 -1.55 -7.99 31.85
CA PHE A 120 -1.86 -9.41 31.87
C PHE A 120 -2.98 -9.71 30.85
N VAL A 121 -4.04 -8.90 30.91
CA VAL A 121 -5.25 -9.10 30.12
C VAL A 121 -4.99 -8.80 28.65
N LEU A 122 -4.35 -7.65 28.38
CA LEU A 122 -4.08 -7.23 27.01
C LEU A 122 -3.21 -8.27 26.28
N ARG A 123 -2.12 -8.66 26.89
CA ARG A 123 -1.18 -9.60 26.30
C ARG A 123 -1.84 -10.98 26.09
N LEU A 124 -2.67 -11.37 27.06
CA LEU A 124 -3.43 -12.60 26.99
C LEU A 124 -4.40 -12.52 25.81
N ALA A 125 -5.14 -11.41 25.76
CA ALA A 125 -6.16 -11.20 24.73
C ALA A 125 -5.57 -11.24 23.34
N TYR A 126 -4.36 -10.70 23.20
CA TYR A 126 -3.72 -10.60 21.89
C TYR A 126 -3.13 -11.92 21.43
N ARG A 127 -2.66 -12.70 22.39
CA ARG A 127 -1.99 -13.97 22.17
C ARG A 127 -2.94 -15.12 21.84
N SER A 128 -4.15 -15.06 22.42
CA SER A 128 -5.07 -16.20 22.52
C SER A 128 -5.86 -16.50 21.25
N ASN A 129 -6.73 -17.51 21.28
CA ASN A 129 -7.59 -17.84 20.14
C ASN A 129 -9.05 -17.83 20.62
N PRO A 130 -9.70 -16.65 20.59
CA PRO A 130 -11.04 -16.50 21.18
C PRO A 130 -12.15 -17.28 20.44
N VAL A 131 -12.02 -17.38 19.10
CA VAL A 131 -12.89 -18.22 18.26
C VAL A 131 -12.98 -19.66 18.79
N GLU A 132 -11.85 -20.20 19.23
CA GLU A 132 -11.78 -21.59 19.70
C GLU A 132 -11.87 -21.77 21.22
N GLY A 133 -12.08 -20.68 21.95
CA GLY A 133 -12.05 -20.68 23.42
C GLY A 133 -10.69 -20.98 24.06
N LYS A 134 -9.61 -20.76 23.30
CA LYS A 134 -8.25 -21.09 23.75
C LYS A 134 -7.59 -19.85 24.32
N LEU A 135 -7.16 -19.97 25.58
CA LEU A 135 -6.35 -18.95 26.23
C LEU A 135 -4.94 -19.48 26.26
N ILE A 136 -4.01 -18.64 25.80
CA ILE A 136 -2.59 -19.00 25.72
C ILE A 136 -1.84 -18.10 26.71
N PHE A 137 -1.30 -18.71 27.76
CA PHE A 137 -0.69 -17.94 28.82
C PHE A 137 0.78 -17.63 28.54
N CYS A 138 1.34 -16.69 29.31
CA CYS A 138 2.69 -16.17 29.03
C CYS A 138 3.81 -17.22 29.09
N ASN A 139 3.62 -18.27 29.87
CA ASN A 139 4.55 -19.42 29.89
C ASN A 139 4.35 -20.42 28.73
N GLY A 140 3.40 -20.14 27.83
CA GLY A 140 3.12 -21.01 26.69
C GLY A 140 2.06 -22.07 26.93
N VAL A 141 1.49 -22.13 28.15
CA VAL A 141 0.46 -23.10 28.49
C VAL A 141 -0.87 -22.69 27.85
N VAL A 142 -1.51 -23.64 27.18
CA VAL A 142 -2.78 -23.44 26.51
C VAL A 142 -3.86 -24.12 27.35
N LEU A 143 -4.89 -23.34 27.70
CA LEU A 143 -6.02 -23.85 28.43
C LEU A 143 -7.30 -23.41 27.74
N HIS A 144 -8.31 -24.28 27.76
CA HIS A 144 -9.65 -23.88 27.31
C HIS A 144 -10.29 -22.93 28.34
N ARG A 145 -11.15 -22.05 27.84
CA ARG A 145 -11.95 -21.14 28.67
C ARG A 145 -12.74 -21.86 29.76
N LEU A 146 -13.34 -23.01 29.40
CA LEU A 146 -14.07 -23.87 30.36
C LEU A 146 -13.16 -24.35 31.50
N GLN A 147 -11.88 -24.53 31.20
CA GLN A 147 -10.88 -24.94 32.20
C GLN A 147 -10.54 -23.78 33.12
N CYS A 148 -10.81 -22.56 32.67
CA CYS A 148 -10.48 -21.36 33.41
C CYS A 148 -11.62 -20.84 34.31
N VAL A 149 -12.84 -21.38 34.11
CA VAL A 149 -14.05 -20.90 34.82
C VAL A 149 -13.98 -20.98 36.35
N ARG A 150 -13.50 -22.09 36.90
CA ARG A 150 -13.40 -22.26 38.36
C ARG A 150 -12.44 -21.27 39.04
N GLY A 151 -11.28 -21.03 38.42
CA GLY A 151 -10.29 -20.09 38.94
C GLY A 151 -10.64 -18.62 38.70
N PHE A 152 -10.85 -18.28 37.43
CA PHE A 152 -11.04 -16.88 37.02
C PHE A 152 -12.44 -16.39 37.24
N GLY A 153 -13.39 -17.33 37.31
CA GLY A 153 -14.82 -17.00 37.32
C GLY A 153 -15.26 -16.29 36.05
N GLU A 154 -16.30 -15.46 36.20
CA GLU A 154 -16.88 -14.64 35.14
C GLU A 154 -15.83 -13.78 34.41
N TRP A 155 -14.69 -13.56 35.05
CA TRP A 155 -13.63 -12.75 34.46
C TRP A 155 -13.06 -13.29 33.10
N ILE A 156 -12.77 -14.61 32.96
CA ILE A 156 -12.31 -15.12 31.62
C ILE A 156 -13.31 -14.91 30.50
N ASP A 157 -14.61 -14.90 30.81
CA ASP A 157 -15.64 -14.56 29.83
C ASP A 157 -15.47 -13.12 29.31
N SER A 158 -15.19 -12.18 30.23
CA SER A 158 -14.89 -10.79 29.88
C SER A 158 -13.58 -10.70 29.06
N ILE A 159 -12.58 -11.47 29.49
CA ILE A 159 -11.28 -11.57 28.82
C ILE A 159 -11.41 -12.09 27.38
N VAL A 160 -12.10 -13.23 27.24
CA VAL A 160 -12.35 -13.87 25.92
C VAL A 160 -13.17 -12.94 24.99
N GLU A 161 -14.21 -12.30 25.54
CA GLU A 161 -14.97 -11.28 24.80
C GLU A 161 -14.06 -10.15 24.32
N PHE A 162 -13.21 -9.63 25.21
CA PHE A 162 -12.28 -8.56 24.89
C PHE A 162 -11.28 -9.01 23.81
N SER A 163 -10.73 -10.22 23.99
CA SER A 163 -9.87 -10.86 22.99
C SER A 163 -10.53 -10.91 21.60
N SER A 164 -11.83 -11.20 21.54
CA SER A 164 -12.60 -11.16 20.30
C SER A 164 -12.60 -9.78 19.62
N ASN A 165 -12.88 -8.73 20.40
CA ASN A 165 -12.93 -7.32 19.94
C ASN A 165 -11.56 -6.83 19.49
N LEU A 166 -10.56 -7.06 20.34
CA LEU A 166 -9.17 -6.72 20.04
C LEU A 166 -8.70 -7.31 18.73
N GLN A 167 -8.95 -8.60 18.55
CA GLN A 167 -8.52 -9.32 17.34
C GLN A 167 -9.31 -9.00 16.08
N ASN A 168 -10.59 -8.64 16.23
CA ASN A 168 -11.40 -8.20 15.09
C ASN A 168 -10.92 -6.88 14.47
N MET A 169 -10.18 -6.09 15.27
CA MET A 169 -9.51 -4.86 14.80
C MET A 169 -8.22 -5.08 13.98
N ASN A 170 -7.68 -6.30 14.01
CA ASN A 170 -6.49 -6.71 13.26
C ASN A 170 -5.29 -5.75 13.42
N ILE A 171 -4.95 -5.51 14.68
CA ILE A 171 -3.84 -4.63 15.09
C ILE A 171 -2.53 -5.37 14.87
N ASP A 172 -1.63 -4.75 14.11
CA ASP A 172 -0.32 -5.34 13.82
C ASP A 172 0.57 -5.32 15.07
N ILE A 173 1.68 -6.03 15.01
CA ILE A 173 2.62 -6.14 16.13
C ILE A 173 3.17 -4.78 16.57
N SER A 174 3.51 -3.91 15.62
CA SER A 174 4.04 -2.58 15.90
C SER A 174 3.09 -1.69 16.69
N ALA A 175 1.84 -1.66 16.23
CA ALA A 175 0.77 -0.88 16.87
C ALA A 175 0.44 -1.42 18.25
N PHE A 176 0.37 -2.75 18.37
CA PHE A 176 0.10 -3.41 19.65
C PHE A 176 1.21 -3.11 20.66
N SER A 177 2.46 -3.17 20.22
CA SER A 177 3.61 -2.87 21.05
C SER A 177 3.56 -1.45 21.62
N CYS A 178 2.99 -0.52 20.84
CA CYS A 178 2.75 0.85 21.28
C CYS A 178 1.63 0.95 22.34
N ILE A 179 0.48 0.33 22.06
CA ILE A 179 -0.67 0.34 22.97
C ILE A 179 -0.30 -0.32 24.30
N ALA A 180 0.45 -1.42 24.22
CA ALA A 180 0.91 -2.10 25.41
C ALA A 180 1.77 -1.18 26.25
N ALA A 181 2.70 -0.47 25.60
CA ALA A 181 3.57 0.47 26.31
C ALA A 181 2.77 1.60 26.95
N LEU A 182 1.78 2.15 26.22
CA LEU A 182 0.91 3.23 26.73
C LEU A 182 -0.02 2.86 27.90
N ALA A 183 -0.40 1.60 28.00
CA ALA A 183 -1.13 1.10 29.17
C ALA A 183 -0.31 1.25 30.45
N MET A 184 1.01 1.08 30.33
CA MET A 184 1.91 1.25 31.48
C MET A 184 2.54 2.63 31.64
N VAL A 185 2.98 3.21 30.53
CA VAL A 185 3.65 4.49 30.59
C VAL A 185 2.60 5.58 30.47
N THR A 186 2.09 5.96 31.63
CA THR A 186 1.01 6.94 31.77
C THR A 186 1.20 7.60 33.13
N GLU A 187 0.75 8.84 33.29
CA GLU A 187 0.85 9.53 34.58
C GLU A 187 0.00 8.91 35.68
N ARG A 188 0.60 8.77 36.86
CA ARG A 188 -0.02 8.19 38.03
C ARG A 188 0.28 9.13 39.18
N HIS A 189 -0.64 9.22 40.13
CA HIS A 189 -0.42 9.99 41.33
C HIS A 189 0.70 9.36 42.14
N GLY A 190 1.63 10.19 42.60
CA GLY A 190 2.78 9.71 43.37
C GLY A 190 4.06 9.46 42.61
N LEU A 191 4.09 9.83 41.32
CA LEU A 191 5.32 9.78 40.54
C LEU A 191 6.32 10.86 40.95
N LYS A 192 7.57 10.43 41.14
CA LYS A 192 8.68 11.35 41.45
C LYS A 192 9.09 12.12 40.21
N GLU A 193 8.97 11.50 39.03
CA GLU A 193 9.36 12.16 37.77
C GLU A 193 8.29 12.12 36.66
N PRO A 194 7.12 12.78 36.91
CA PRO A 194 5.98 12.67 36.00
C PRO A 194 6.21 13.25 34.61
N LYS A 195 6.98 14.34 34.51
CA LYS A 195 7.35 14.93 33.23
C LYS A 195 8.11 13.94 32.35
N ARG A 196 8.97 13.12 32.95
CA ARG A 196 9.70 12.08 32.23
C ARG A 196 8.75 11.03 31.66
N VAL A 197 7.79 10.61 32.48
CA VAL A 197 6.74 9.67 32.08
C VAL A 197 5.87 10.28 30.98
N GLU A 198 5.47 11.54 31.18
CA GLU A 198 4.71 12.31 30.18
C GLU A 198 5.47 12.37 28.86
N GLU A 199 6.76 12.68 28.92
CA GLU A 199 7.60 12.78 27.72
C GLU A 199 7.67 11.43 26.98
N LEU A 200 7.92 10.35 27.73
CA LEU A 200 8.00 9.01 27.16
C LEU A 200 6.67 8.56 26.54
N GLN A 201 5.56 8.85 27.23
CA GLN A 201 4.22 8.52 26.76
C GLN A 201 3.93 9.17 25.40
N ASN A 202 4.15 10.48 25.28
CA ASN A 202 3.90 11.20 24.04
C ASN A 202 4.80 10.73 22.85
N LYS A 203 6.03 10.33 23.16
CA LYS A 203 6.93 9.74 22.17
C LYS A 203 6.36 8.44 21.61
N ILE A 204 5.75 7.62 22.47
CA ILE A 204 5.07 6.37 22.07
C ILE A 204 3.78 6.70 21.28
N VAL A 205 3.03 7.71 21.74
CA VAL A 205 1.82 8.18 21.03
C VAL A 205 2.17 8.54 19.58
N ASN A 206 3.19 9.39 19.41
CA ASN A 206 3.66 9.81 18.08
C ASN A 206 4.22 8.67 17.20
N CYS A 207 4.87 7.68 17.82
CA CYS A 207 5.27 6.42 17.15
C CYS A 207 4.09 5.71 16.51
N LEU A 208 3.04 5.54 17.31
CA LEU A 208 1.80 4.92 16.92
C LEU A 208 1.14 5.74 15.81
N LYS A 209 1.09 7.07 15.99
CA LYS A 209 0.56 8.01 14.99
C LYS A 209 1.22 7.84 13.64
N ASP A 210 2.56 7.93 13.62
CA ASP A 210 3.37 7.75 12.42
C ASP A 210 3.15 6.38 11.78
N HIS A 211 3.11 5.33 12.60
CA HIS A 211 2.84 3.97 12.12
C HIS A 211 1.44 3.81 11.50
N VAL A 212 0.44 4.44 12.13
CA VAL A 212 -0.94 4.39 11.63
C VAL A 212 -1.03 5.03 10.22
N THR A 213 -0.42 6.20 10.07
CA THR A 213 -0.29 6.90 8.79
C THR A 213 0.54 6.07 7.76
N PHE A 214 1.49 5.28 8.28
CA PHE A 214 2.41 4.40 7.52
C PHE A 214 3.17 5.05 6.37
N PRO A 222 -6.48 8.67 10.77
CA PRO A 222 -6.79 9.40 12.01
C PRO A 222 -7.91 8.75 12.84
N ASN A 223 -8.87 8.12 12.15
CA ASN A 223 -10.07 7.52 12.73
C ASN A 223 -9.76 6.33 13.64
N TYR A 224 -9.01 5.39 13.07
CA TYR A 224 -8.60 4.13 13.67
C TYR A 224 -7.79 4.32 14.97
N LEU A 225 -7.07 5.44 15.07
CA LEU A 225 -6.24 5.79 16.25
C LEU A 225 -7.05 5.94 17.52
N SER A 226 -8.17 6.63 17.44
CA SER A 226 -9.07 6.84 18.59
C SER A 226 -9.63 5.51 19.11
N LYS A 227 -10.06 4.64 18.19
CA LYS A 227 -10.54 3.28 18.52
C LYS A 227 -9.44 2.38 19.10
N LEU A 228 -8.19 2.62 18.65
CA LEU A 228 -7.00 2.00 19.23
C LEU A 228 -6.77 2.45 20.67
N LEU A 229 -6.67 3.77 20.88
CA LEU A 229 -6.52 4.33 22.23
C LEU A 229 -7.73 4.08 23.13
N GLY A 230 -8.88 3.77 22.50
CA GLY A 230 -10.11 3.44 23.19
C GLY A 230 -10.07 2.09 23.87
N LYS A 231 -9.12 1.24 23.49
CA LYS A 231 -8.93 -0.05 24.15
C LYS A 231 -8.31 0.11 25.55
N LEU A 232 -7.66 1.24 25.80
CA LEU A 232 -7.02 1.52 27.10
C LEU A 232 -7.97 1.77 28.30
N PRO A 233 -9.07 2.58 28.11
CA PRO A 233 -10.06 2.61 29.20
C PRO A 233 -10.84 1.29 29.39
N GLU A 234 -11.03 0.53 28.30
CA GLU A 234 -11.63 -0.79 28.38
C GLU A 234 -10.81 -1.80 29.22
N LEU A 235 -9.48 -1.64 29.21
CA LEU A 235 -8.60 -2.42 30.10
C LEU A 235 -8.76 -2.07 31.57
N ARG A 236 -9.03 -0.81 31.87
CA ARG A 236 -9.27 -0.39 33.25
C ARG A 236 -10.48 -1.12 33.82
N THR A 237 -11.55 -1.25 33.03
CA THR A 237 -12.73 -2.04 33.42
C THR A 237 -12.34 -3.50 33.67
N LEU A 238 -11.52 -4.07 32.78
CA LEU A 238 -11.09 -5.47 32.90
C LEU A 238 -10.21 -5.71 34.11
N CYS A 239 -9.47 -4.68 34.48
CA CYS A 239 -8.63 -4.72 35.67
C CYS A 239 -9.49 -4.74 36.94
N THR A 240 -10.47 -3.83 37.02
CA THR A 240 -11.47 -3.81 38.12
C THR A 240 -12.11 -5.19 38.31
N GLN A 241 -12.43 -5.84 37.19
CA GLN A 241 -12.99 -7.18 37.19
C GLN A 241 -12.05 -8.25 37.76
N GLY A 242 -10.76 -8.21 37.42
CA GLY A 242 -9.75 -9.08 38.08
C GLY A 242 -9.68 -8.85 39.57
N LEU A 243 -9.61 -7.58 39.95
CA LEU A 243 -9.69 -7.17 41.36
C LEU A 243 -10.95 -7.66 42.09
N GLN A 244 -12.10 -7.59 41.42
CA GLN A 244 -13.38 -8.15 41.92
C GLN A 244 -13.27 -9.67 42.17
N ARG A 245 -12.55 -10.37 41.28
CA ARG A 245 -12.32 -11.79 41.42
C ARG A 245 -11.40 -12.15 42.61
N ILE A 246 -10.26 -11.46 42.74
CA ILE A 246 -9.36 -11.63 43.88
C ILE A 246 -10.06 -11.30 45.21
N PHE A 247 -10.81 -10.20 45.21
CA PHE A 247 -11.69 -9.83 46.34
C PHE A 247 -12.55 -11.00 46.77
N TYR A 248 -13.30 -11.58 45.83
CA TYR A 248 -14.20 -12.70 46.13
C TYR A 248 -13.41 -13.85 46.78
N LEU A 249 -12.38 -14.34 46.07
CA LEU A 249 -11.53 -15.46 46.52
C LEU A 249 -10.97 -15.29 47.93
N LYS A 250 -10.46 -14.09 48.22
CA LYS A 250 -9.88 -13.74 49.52
C LYS A 250 -10.94 -13.74 50.61
N LEU A 251 -12.14 -13.27 50.24
CA LEU A 251 -13.26 -13.21 51.17
C LEU A 251 -13.77 -14.62 51.46
N GLU A 252 -13.92 -15.41 50.38
CA GLU A 252 -14.22 -16.85 50.44
C GLU A 252 -13.24 -17.60 51.33
N ASP A 253 -11.94 -17.36 51.12
CA ASP A 253 -10.87 -17.87 51.99
C ASP A 253 -10.73 -19.41 51.94
N LEU A 254 -10.87 -19.97 50.74
CA LEU A 254 -10.62 -21.38 50.54
C LEU A 254 -9.11 -21.55 50.30
N VAL A 255 -8.57 -20.79 49.35
CA VAL A 255 -7.13 -20.65 49.20
C VAL A 255 -6.80 -19.17 49.40
N PRO A 256 -5.97 -18.87 50.42
CA PRO A 256 -5.53 -17.47 50.58
C PRO A 256 -4.54 -17.13 49.49
N PRO A 257 -4.58 -15.90 48.97
CA PRO A 257 -3.65 -15.56 47.89
C PRO A 257 -2.18 -15.53 48.34
N PRO A 258 -1.23 -15.90 47.46
CA PRO A 258 0.20 -15.79 47.80
C PRO A 258 0.61 -14.35 48.14
N ALA A 259 1.66 -14.23 48.95
CA ALA A 259 2.13 -12.96 49.53
C ALA A 259 2.15 -11.77 48.56
N ILE A 260 2.73 -11.96 47.38
CA ILE A 260 2.90 -10.85 46.43
C ILE A 260 1.57 -10.35 45.86
N ILE A 261 0.65 -11.27 45.54
CA ILE A 261 -0.69 -10.93 45.07
C ILE A 261 -1.44 -10.21 46.20
N ASP A 262 -1.39 -10.79 47.38
CA ASP A 262 -1.98 -10.22 48.59
C ASP A 262 -1.51 -8.78 48.84
N LYS A 263 -0.18 -8.59 48.87
CA LYS A 263 0.44 -7.28 49.09
C LYS A 263 -0.04 -6.29 48.03
N LEU A 264 0.04 -6.67 46.76
CA LEU A 264 -0.37 -5.80 45.64
C LEU A 264 -1.87 -5.48 45.66
N PHE A 265 -2.68 -6.48 46.01
CA PHE A 265 -4.13 -6.31 46.09
C PHE A 265 -4.44 -5.29 47.18
N LEU A 266 -3.95 -5.53 48.39
CA LEU A 266 -4.21 -4.70 49.55
C LEU A 266 -3.75 -3.25 49.38
N ASP A 267 -2.52 -3.05 48.88
CA ASP A 267 -1.94 -1.70 48.70
C ASP A 267 -2.67 -0.84 47.69
N THR A 268 -3.15 -1.46 46.62
CA THR A 268 -3.81 -0.77 45.52
C THR A 268 -5.26 -0.33 45.83
N LEU A 269 -5.91 -0.99 46.78
CA LEU A 269 -7.23 -0.56 47.17
C LEU A 269 -7.19 0.85 47.77
N PRO A 270 -7.98 1.81 47.19
CA PRO A 270 -8.02 3.17 47.73
C PRO A 270 -8.89 3.32 48.99
N PHE A 271 -9.43 2.20 49.48
CA PHE A 271 -10.21 2.16 50.76
C PHE A 271 -9.88 0.88 51.56
N VAL B 35 4.05 28.84 -18.91
CA VAL B 35 2.72 28.16 -18.77
C VAL B 35 1.55 29.15 -18.74
N SER B 36 0.61 28.93 -19.66
CA SER B 36 -0.66 29.64 -19.72
C SER B 36 -1.49 29.40 -18.44
N LEU B 37 -2.39 30.34 -18.12
CA LEU B 37 -3.26 30.15 -16.93
C LEU B 37 -4.31 29.02 -17.15
N ILE B 38 -5.03 29.07 -18.26
CA ILE B 38 -6.05 28.03 -18.55
C ILE B 38 -5.40 26.64 -18.59
N SER B 39 -4.16 26.58 -19.11
CA SER B 39 -3.32 25.37 -19.16
C SER B 39 -3.14 24.71 -17.80
N ALA B 40 -2.63 25.49 -16.85
CA ALA B 40 -2.38 25.05 -15.48
C ALA B 40 -3.68 24.75 -14.74
N LEU B 41 -4.77 25.40 -15.15
CA LEU B 41 -6.10 25.09 -14.62
C LEU B 41 -6.58 23.76 -15.18
N VAL B 42 -6.25 23.48 -16.44
CA VAL B 42 -6.55 22.17 -17.04
C VAL B 42 -5.69 21.08 -16.39
N ARG B 43 -4.39 21.31 -16.19
CA ARG B 43 -3.56 20.28 -15.54
C ARG B 43 -4.00 20.00 -14.12
N ALA B 44 -4.40 21.03 -13.37
CA ALA B 44 -4.91 20.84 -12.02
C ALA B 44 -6.12 19.90 -11.98
N HIS B 45 -7.06 20.06 -12.92
CA HIS B 45 -8.28 19.22 -13.02
C HIS B 45 -7.96 17.79 -13.49
N VAL B 46 -7.25 17.68 -14.61
CA VAL B 46 -6.81 16.41 -15.19
C VAL B 46 -5.98 15.59 -14.19
N ASP B 47 -5.02 16.20 -13.50
CA ASP B 47 -4.19 15.51 -12.49
C ASP B 47 -4.90 15.22 -11.17
N SER B 48 -6.11 15.72 -11.00
CA SER B 48 -6.85 15.42 -9.77
C SER B 48 -8.13 14.60 -10.02
N ASN B 49 -8.25 13.99 -11.20
CA ASN B 49 -9.39 13.12 -11.54
C ASN B 49 -8.96 11.72 -11.98
N PRO B 50 -9.82 10.70 -11.75
CA PRO B 50 -9.39 9.34 -12.10
C PRO B 50 -9.36 9.11 -13.61
N ALA B 51 -8.44 8.24 -14.02
CA ALA B 51 -8.32 7.78 -15.41
C ALA B 51 -9.53 6.95 -15.76
N MET B 52 -10.20 7.35 -16.85
CA MET B 52 -11.39 6.69 -17.32
C MET B 52 -11.10 5.31 -17.94
N THR B 53 -9.82 5.05 -18.22
CA THR B 53 -9.32 3.77 -18.78
C THR B 53 -9.06 2.71 -17.71
N SER B 54 -8.84 3.16 -16.46
CA SER B 54 -8.62 2.26 -15.32
C SER B 54 -9.62 2.56 -14.22
N LEU B 55 -10.91 2.38 -14.53
CA LEU B 55 -11.96 2.55 -13.53
C LEU B 55 -12.18 1.25 -12.79
N ASP B 56 -12.64 1.38 -11.53
CA ASP B 56 -12.87 0.24 -10.66
C ASP B 56 -14.36 -0.12 -10.59
N TYR B 57 -14.71 -1.23 -11.26
CA TYR B 57 -16.08 -1.76 -11.26
C TYR B 57 -16.32 -2.89 -10.27
N SER B 58 -15.28 -3.30 -9.54
CA SER B 58 -15.33 -4.47 -8.61
C SER B 58 -16.50 -4.48 -7.60
N ARG B 59 -16.94 -3.29 -7.20
CA ARG B 59 -18.02 -3.12 -6.23
C ARG B 59 -19.35 -2.72 -6.89
N PHE B 60 -19.32 -2.43 -8.20
CA PHE B 60 -20.52 -1.97 -8.92
C PHE B 60 -21.62 -3.05 -9.03
N GLN B 61 -22.86 -2.63 -8.78
CA GLN B 61 -24.05 -3.48 -8.91
C GLN B 61 -25.21 -2.64 -9.43
N ALA B 62 -25.71 -2.98 -10.61
CA ALA B 62 -26.83 -2.25 -11.22
C ALA B 62 -28.17 -2.43 -10.50
N ASN B 63 -28.39 -3.62 -9.93
CA ASN B 63 -29.68 -3.97 -9.31
C ASN B 63 -29.58 -4.60 -7.90
N PRO B 64 -29.06 -3.85 -6.91
CA PRO B 64 -28.73 -4.42 -5.59
C PRO B 64 -29.97 -4.84 -4.78
N ASP B 65 -29.81 -5.88 -3.96
CA ASP B 65 -30.80 -6.22 -2.92
C ASP B 65 -30.45 -5.46 -1.64
N ASP B 72 -28.56 1.06 7.29
CA ASP B 72 -27.34 0.19 7.26
C ASP B 72 -26.02 0.96 7.51
N THR B 73 -25.22 0.41 8.43
CA THR B 73 -24.00 1.05 8.96
C THR B 73 -22.84 1.19 7.96
N GLN B 74 -22.60 0.13 7.17
CA GLN B 74 -21.55 0.12 6.16
C GLN B 74 -21.77 1.16 5.06
N HIS B 75 -23.01 1.32 4.62
CA HIS B 75 -23.38 2.32 3.61
C HIS B 75 -23.21 3.77 4.10
N ILE B 76 -23.47 4.01 5.38
CA ILE B 76 -23.23 5.32 5.98
C ILE B 76 -21.71 5.55 6.08
N GLN B 77 -20.96 4.53 6.48
CA GLN B 77 -19.51 4.61 6.59
C GLN B 77 -18.85 4.90 5.23
N GLN B 78 -19.29 4.20 4.19
CA GLN B 78 -18.76 4.38 2.82
C GLN B 78 -19.04 5.78 2.29
N PHE B 79 -20.21 6.32 2.64
CA PHE B 79 -20.60 7.68 2.30
C PHE B 79 -19.60 8.67 2.92
N TYR B 80 -19.27 8.45 4.20
CA TYR B 80 -18.23 9.24 4.87
C TYR B 80 -16.85 9.10 4.22
N ASP B 81 -16.46 7.86 3.90
CA ASP B 81 -15.15 7.60 3.27
C ASP B 81 -15.02 8.33 1.95
N LEU B 82 -16.08 8.26 1.15
CA LEU B 82 -16.18 8.96 -0.11
C LEU B 82 -15.97 10.46 0.06
N LEU B 83 -16.64 11.05 1.06
CA LEU B 83 -16.44 12.46 1.35
C LEU B 83 -15.01 12.77 1.82
N THR B 84 -14.48 11.95 2.74
CA THR B 84 -13.11 12.19 3.26
C THR B 84 -12.05 12.00 2.19
N GLY B 85 -12.19 10.96 1.37
CA GLY B 85 -11.22 10.67 0.29
C GLY B 85 -11.17 11.74 -0.81
N SER B 86 -12.35 12.23 -1.17
CA SER B 86 -12.52 13.35 -2.07
C SER B 86 -11.84 14.63 -1.55
N MET B 87 -11.87 14.80 -0.23
CA MET B 87 -11.36 16.00 0.45
C MET B 87 -9.86 16.21 0.23
N GLU B 88 -9.09 15.12 0.32
CA GLU B 88 -7.65 15.19 0.11
C GLU B 88 -7.31 15.49 -1.34
N ILE B 89 -8.10 14.94 -2.25
CA ILE B 89 -7.86 15.08 -3.68
C ILE B 89 -8.21 16.50 -4.16
N ILE B 90 -9.31 17.05 -3.64
CA ILE B 90 -9.73 18.41 -3.97
C ILE B 90 -8.75 19.43 -3.40
N ARG B 91 -8.32 19.22 -2.16
CA ARG B 91 -7.24 20.04 -1.57
C ARG B 91 -5.99 20.03 -2.49
N GLY B 92 -5.66 18.85 -3.01
CA GLY B 92 -4.59 18.69 -4.00
C GLY B 92 -4.82 19.50 -5.26
N TRP B 93 -6.06 19.46 -5.78
CA TRP B 93 -6.43 20.26 -6.93
C TRP B 93 -6.28 21.77 -6.64
N ALA B 94 -6.83 22.20 -5.49
CA ALA B 94 -6.73 23.61 -5.06
C ALA B 94 -5.27 24.13 -5.05
N GLU B 95 -4.35 23.30 -4.58
CA GLU B 95 -2.92 23.67 -4.48
C GLU B 95 -2.20 23.83 -5.84
N LYS B 96 -2.84 23.38 -6.91
CA LYS B 96 -2.29 23.50 -8.27
C LYS B 96 -2.87 24.67 -9.10
N ILE B 97 -3.81 25.42 -8.54
CA ILE B 97 -4.31 26.63 -9.21
C ILE B 97 -3.26 27.71 -9.01
N PRO B 98 -2.69 28.27 -10.11
CA PRO B 98 -1.68 29.32 -9.89
C PRO B 98 -2.23 30.48 -9.04
N GLY B 99 -1.45 30.93 -8.06
CA GLY B 99 -1.85 32.00 -7.14
C GLY B 99 -2.50 31.53 -5.84
N PHE B 100 -3.12 30.36 -5.86
CA PHE B 100 -3.82 29.86 -4.68
C PHE B 100 -2.88 29.65 -3.49
N ALA B 101 -1.79 28.92 -3.73
CA ALA B 101 -0.81 28.65 -2.68
C ALA B 101 -0.06 29.92 -2.23
N ASP B 102 -0.28 31.02 -2.96
CA ASP B 102 0.19 32.36 -2.59
C ASP B 102 -0.64 33.04 -1.49
N LEU B 103 -1.85 32.56 -1.25
CA LEU B 103 -2.71 33.10 -0.19
C LEU B 103 -2.24 32.62 1.18
N PRO B 104 -2.44 33.45 2.24
CA PRO B 104 -2.18 32.94 3.59
C PRO B 104 -2.90 31.60 3.81
N LYS B 105 -2.27 30.68 4.54
CA LYS B 105 -2.84 29.35 4.80
C LYS B 105 -4.29 29.46 5.28
N ALA B 106 -4.58 30.46 6.12
CA ALA B 106 -5.91 30.73 6.67
C ALA B 106 -6.96 31.06 5.60
N ASP B 107 -6.52 31.77 4.56
CA ASP B 107 -7.35 32.08 3.41
C ASP B 107 -7.54 30.85 2.52
N GLN B 108 -6.50 30.04 2.37
CA GLN B 108 -6.61 28.76 1.66
C GLN B 108 -7.65 27.82 2.32
N ASP B 109 -7.52 27.64 3.63
CA ASP B 109 -8.47 26.86 4.43
C ASP B 109 -9.87 27.39 4.25
N LEU B 110 -10.05 28.69 4.47
CA LEU B 110 -11.34 29.33 4.30
C LEU B 110 -11.99 29.07 2.91
N LEU B 111 -11.23 29.28 1.84
CA LEU B 111 -11.70 29.06 0.46
C LEU B 111 -12.04 27.61 0.19
N PHE B 112 -11.10 26.71 0.50
CA PHE B 112 -11.30 25.29 0.26
C PHE B 112 -12.52 24.73 1.01
N GLU B 113 -12.58 25.02 2.31
CA GLU B 113 -13.65 24.54 3.17
C GLU B 113 -15.04 25.10 2.81
N SER B 114 -15.11 26.37 2.45
CA SER B 114 -16.41 26.95 2.08
C SER B 114 -16.98 26.36 0.79
N ALA B 115 -16.10 25.85 -0.07
CA ALA B 115 -16.45 25.38 -1.39
C ALA B 115 -16.39 23.85 -1.52
N PHE B 116 -15.87 23.18 -0.48
CA PHE B 116 -15.64 21.73 -0.57
C PHE B 116 -16.82 20.90 -1.11
N LEU B 117 -18.02 21.09 -0.54
CA LEU B 117 -19.18 20.27 -0.91
C LEU B 117 -19.63 20.58 -2.33
N GLU B 118 -19.58 21.86 -2.67
CA GLU B 118 -19.84 22.32 -4.01
C GLU B 118 -18.89 21.68 -5.02
N LEU B 119 -17.60 21.64 -4.70
CA LEU B 119 -16.62 21.02 -5.58
C LEU B 119 -16.79 19.51 -5.71
N PHE B 120 -17.11 18.86 -4.58
CA PHE B 120 -17.33 17.42 -4.57
C PHE B 120 -18.47 17.07 -5.54
N VAL B 121 -19.55 17.86 -5.48
CA VAL B 121 -20.72 17.64 -6.27
C VAL B 121 -20.44 17.98 -7.73
N LEU B 122 -19.77 19.11 -7.97
CA LEU B 122 -19.46 19.54 -9.34
C LEU B 122 -18.59 18.54 -10.08
N ARG B 123 -17.48 18.14 -9.46
CA ARG B 123 -16.55 17.19 -10.08
C ARG B 123 -17.18 15.80 -10.30
N LEU B 124 -18.01 15.36 -9.34
CA LEU B 124 -18.70 14.07 -9.44
C LEU B 124 -19.70 14.10 -10.58
N ALA B 125 -20.49 15.18 -10.62
CA ALA B 125 -21.49 15.41 -11.66
C ALA B 125 -20.88 15.37 -13.07
N TYR B 126 -19.71 15.99 -13.24
CA TYR B 126 -19.02 16.08 -14.51
C TYR B 126 -18.32 14.79 -14.95
N ARG B 127 -17.98 13.95 -13.98
CA ARG B 127 -17.21 12.71 -14.17
C ARG B 127 -18.12 11.52 -14.43
N SER B 128 -19.33 11.58 -13.86
CA SER B 128 -20.25 10.44 -13.77
C SER B 128 -20.93 10.15 -15.07
N ASN B 129 -21.73 9.07 -15.10
CA ASN B 129 -22.59 8.75 -16.24
C ASN B 129 -24.04 8.72 -15.76
N PRO B 130 -24.70 9.90 -15.77
CA PRO B 130 -26.07 10.06 -15.23
C PRO B 130 -27.17 9.32 -16.02
N VAL B 131 -26.98 9.15 -17.32
CA VAL B 131 -27.92 8.39 -18.17
C VAL B 131 -28.09 6.95 -17.66
N GLU B 132 -26.98 6.36 -17.20
CA GLU B 132 -26.94 4.95 -16.80
C GLU B 132 -27.02 4.76 -15.28
N GLY B 133 -27.13 5.87 -14.55
CA GLY B 133 -27.16 5.87 -13.08
C GLY B 133 -25.83 5.64 -12.40
N LYS B 134 -24.73 5.86 -13.12
CA LYS B 134 -23.39 5.55 -12.65
C LYS B 134 -22.73 6.80 -12.04
N LEU B 135 -22.33 6.65 -10.78
CA LEU B 135 -21.52 7.65 -10.13
C LEU B 135 -20.08 7.19 -10.16
N ILE B 136 -19.19 8.07 -10.58
CA ILE B 136 -17.77 7.77 -10.66
C ILE B 136 -17.04 8.70 -9.67
N PHE B 137 -16.52 8.13 -8.59
CA PHE B 137 -15.94 8.93 -7.50
C PHE B 137 -14.46 9.21 -7.79
N CYS B 138 -13.89 10.14 -7.05
CA CYS B 138 -12.56 10.63 -7.39
C CYS B 138 -11.47 9.53 -7.32
N ASN B 139 -11.72 8.47 -6.56
CA ASN B 139 -10.81 7.33 -6.44
C ASN B 139 -10.98 6.33 -7.59
N GLY B 140 -11.93 6.58 -8.48
CA GLY B 140 -12.20 5.71 -9.63
C GLY B 140 -13.17 4.57 -9.36
N VAL B 141 -13.76 4.53 -8.17
CA VAL B 141 -14.78 3.53 -7.86
C VAL B 141 -16.10 3.95 -8.51
N VAL B 142 -16.71 3.00 -9.20
CA VAL B 142 -17.99 3.20 -9.87
C VAL B 142 -19.06 2.53 -9.02
N LEU B 143 -20.10 3.27 -8.70
CA LEU B 143 -21.26 2.74 -7.99
C LEU B 143 -22.53 3.24 -8.64
N HIS B 144 -23.56 2.40 -8.61
CA HIS B 144 -24.90 2.80 -9.06
C HIS B 144 -25.59 3.72 -8.05
N ARG B 145 -26.38 4.65 -8.58
CA ARG B 145 -27.35 5.45 -7.82
C ARG B 145 -28.02 4.66 -6.69
N LEU B 146 -28.58 3.50 -7.04
CA LEU B 146 -29.27 2.62 -6.10
C LEU B 146 -28.39 2.14 -4.96
N GLN B 147 -27.09 1.97 -5.21
CA GLN B 147 -26.14 1.54 -4.20
C GLN B 147 -25.79 2.65 -3.23
N CYS B 148 -26.04 3.90 -3.64
CA CYS B 148 -25.66 5.09 -2.89
C CYS B 148 -26.81 5.62 -2.02
N VAL B 149 -28.03 5.18 -2.31
CA VAL B 149 -29.23 5.70 -1.65
C VAL B 149 -29.21 5.60 -0.11
N ARG B 150 -28.70 4.48 0.41
CA ARG B 150 -28.65 4.26 1.86
C ARG B 150 -27.72 5.25 2.57
N GLY B 151 -26.54 5.47 2.01
CA GLY B 151 -25.57 6.43 2.54
C GLY B 151 -25.93 7.88 2.25
N PHE B 152 -26.16 8.19 0.98
CA PHE B 152 -26.36 9.56 0.52
C PHE B 152 -27.77 10.11 0.79
N GLY B 153 -28.76 9.22 0.89
CA GLY B 153 -30.17 9.63 0.98
C GLY B 153 -30.67 10.16 -0.35
N GLU B 154 -31.71 10.98 -0.32
CA GLU B 154 -32.27 11.63 -1.52
C GLU B 154 -31.25 12.55 -2.23
N TRP B 155 -30.20 12.94 -1.52
CA TRP B 155 -29.16 13.80 -2.08
C TRP B 155 -28.52 13.31 -3.39
N ILE B 156 -28.34 11.98 -3.57
CA ILE B 156 -27.80 11.46 -4.87
C ILE B 156 -28.71 11.72 -6.04
N ASP B 157 -30.02 11.63 -5.81
CA ASP B 157 -30.99 11.89 -6.88
C ASP B 157 -30.85 13.34 -7.39
N SER B 158 -30.70 14.30 -6.47
CA SER B 158 -30.40 15.69 -6.81
C SER B 158 -29.02 15.88 -7.49
N ILE B 159 -28.05 15.07 -7.09
CA ILE B 159 -26.72 15.05 -7.73
C ILE B 159 -26.82 14.51 -9.17
N VAL B 160 -27.54 13.40 -9.34
CA VAL B 160 -27.69 12.72 -10.64
C VAL B 160 -28.40 13.64 -11.63
N GLU B 161 -29.47 14.28 -11.17
CA GLU B 161 -30.25 15.25 -11.94
C GLU B 161 -29.36 16.43 -12.33
N PHE B 162 -28.55 16.91 -11.38
CA PHE B 162 -27.57 17.96 -11.65
C PHE B 162 -26.53 17.53 -12.67
N SER B 163 -26.04 16.30 -12.53
CA SER B 163 -25.13 15.69 -13.50
C SER B 163 -25.70 15.66 -14.94
N SER B 164 -26.98 15.30 -15.09
CA SER B 164 -27.63 15.28 -16.40
C SER B 164 -27.68 16.68 -17.02
N ASN B 165 -28.18 17.64 -16.25
CA ASN B 165 -28.29 19.04 -16.69
C ASN B 165 -26.93 19.56 -17.14
N LEU B 166 -25.91 19.40 -16.27
CA LEU B 166 -24.55 19.83 -16.56
C LEU B 166 -24.01 19.21 -17.84
N GLN B 167 -24.18 17.90 -17.98
CA GLN B 167 -23.62 17.20 -19.13
C GLN B 167 -24.33 17.53 -20.44
N ASN B 168 -25.62 17.88 -20.37
CA ASN B 168 -26.38 18.38 -21.52
C ASN B 168 -25.84 19.68 -22.12
N MET B 169 -25.19 20.49 -21.27
CA MET B 169 -24.52 21.73 -21.69
C MET B 169 -23.22 21.50 -22.47
N ASN B 170 -22.67 20.29 -22.38
CA ASN B 170 -21.42 19.89 -23.05
C ASN B 170 -20.28 20.90 -22.83
N ILE B 171 -19.89 21.05 -21.58
CA ILE B 171 -18.82 21.95 -21.18
C ILE B 171 -17.50 21.25 -21.48
N ASP B 172 -16.65 21.88 -22.28
CA ASP B 172 -15.34 21.29 -22.56
C ASP B 172 -14.46 21.35 -21.31
N ILE B 173 -13.40 20.56 -21.32
CA ILE B 173 -12.49 20.46 -20.20
C ILE B 173 -11.92 21.82 -19.75
N SER B 174 -11.63 22.70 -20.71
CA SER B 174 -11.06 24.02 -20.44
C SER B 174 -12.02 24.96 -19.71
N ALA B 175 -13.27 25.01 -20.18
CA ALA B 175 -14.31 25.77 -19.54
C ALA B 175 -14.61 25.25 -18.13
N PHE B 176 -14.68 23.92 -18.00
CA PHE B 176 -14.99 23.30 -16.72
C PHE B 176 -13.94 23.65 -15.68
N SER B 177 -12.67 23.47 -16.05
CA SER B 177 -11.53 23.74 -15.18
C SER B 177 -11.52 25.19 -14.65
N CYS B 178 -12.01 26.13 -15.46
CA CYS B 178 -12.26 27.51 -15.03
C CYS B 178 -13.42 27.58 -14.02
N ILE B 179 -14.57 26.95 -14.35
CA ILE B 179 -15.77 26.94 -13.48
C ILE B 179 -15.52 26.31 -12.11
N ALA B 180 -14.85 25.15 -12.11
CA ALA B 180 -14.45 24.49 -10.88
C ALA B 180 -13.63 25.46 -10.03
N ALA B 181 -12.72 26.18 -10.68
CA ALA B 181 -11.84 27.10 -9.98
C ALA B 181 -12.63 28.25 -9.31
N LEU B 182 -13.64 28.73 -10.04
CA LEU B 182 -14.45 29.88 -9.62
C LEU B 182 -15.42 29.57 -8.49
N ALA B 183 -15.80 28.30 -8.35
CA ALA B 183 -16.57 27.81 -7.21
C ALA B 183 -15.79 28.03 -5.90
N MET B 184 -14.47 27.97 -5.98
CA MET B 184 -13.60 28.14 -4.82
C MET B 184 -12.97 29.54 -4.66
N VAL B 185 -12.50 30.11 -5.77
CA VAL B 185 -11.85 31.41 -5.79
C VAL B 185 -12.96 32.44 -5.96
N THR B 186 -13.51 32.82 -4.80
CA THR B 186 -14.66 33.73 -4.69
C THR B 186 -14.65 34.42 -3.30
N GLU B 187 -15.34 35.55 -3.17
CA GLU B 187 -15.46 36.26 -1.87
C GLU B 187 -16.09 35.40 -0.78
N ARG B 188 -15.40 35.32 0.36
CA ARG B 188 -15.95 34.75 1.60
C ARG B 188 -15.67 35.71 2.73
N HIS B 189 -16.56 35.74 3.71
CA HIS B 189 -16.37 36.59 4.86
C HIS B 189 -15.19 36.09 5.68
N GLY B 190 -14.30 37.03 6.02
CA GLY B 190 -13.14 36.78 6.89
C GLY B 190 -11.82 36.41 6.19
N LEU B 191 -11.69 36.80 4.93
CA LEU B 191 -10.45 36.64 4.18
C LEU B 191 -9.45 37.70 4.63
N LYS B 192 -8.20 37.29 4.76
CA LYS B 192 -7.12 38.22 5.12
C LYS B 192 -6.65 39.06 3.93
N GLU B 193 -6.81 38.53 2.72
CA GLU B 193 -6.42 39.21 1.48
C GLU B 193 -7.54 39.12 0.43
N PRO B 194 -8.72 39.76 0.68
CA PRO B 194 -9.83 39.62 -0.28
C PRO B 194 -9.52 40.18 -1.68
N LYS B 195 -8.81 41.32 -1.73
CA LYS B 195 -8.27 41.94 -2.96
C LYS B 195 -7.52 40.96 -3.85
N ARG B 196 -6.61 40.18 -3.26
CA ARG B 196 -5.83 39.22 -4.03
C ARG B 196 -6.66 38.02 -4.46
N VAL B 197 -7.68 37.67 -3.68
CA VAL B 197 -8.64 36.62 -4.05
C VAL B 197 -9.48 37.08 -5.24
N GLU B 198 -9.88 38.35 -5.22
CA GLU B 198 -10.66 38.96 -6.31
C GLU B 198 -9.83 39.10 -7.60
N GLU B 199 -8.55 39.42 -7.46
CA GLU B 199 -7.60 39.54 -8.58
C GLU B 199 -7.39 38.20 -9.27
N LEU B 200 -7.37 37.13 -8.49
CA LEU B 200 -7.25 35.79 -9.04
C LEU B 200 -8.54 35.34 -9.73
N GLN B 201 -9.68 35.62 -9.09
CA GLN B 201 -11.01 35.30 -9.61
C GLN B 201 -11.21 35.90 -10.99
N ASN B 202 -10.86 37.19 -11.12
CA ASN B 202 -10.99 37.94 -12.36
C ASN B 202 -10.13 37.42 -13.50
N LYS B 203 -8.86 37.09 -13.20
CA LYS B 203 -7.99 36.41 -14.16
C LYS B 203 -8.66 35.13 -14.65
N ILE B 204 -9.27 34.38 -13.73
CA ILE B 204 -9.95 33.11 -14.08
C ILE B 204 -11.21 33.37 -14.92
N VAL B 205 -11.95 34.43 -14.60
CA VAL B 205 -13.08 34.90 -15.43
C VAL B 205 -12.58 35.32 -16.82
N ASN B 206 -11.53 36.15 -16.87
CA ASN B 206 -10.94 36.61 -18.12
C ASN B 206 -10.59 35.52 -19.13
N CYS B 207 -9.88 34.48 -18.70
CA CYS B 207 -9.52 33.42 -19.65
C CYS B 207 -10.66 32.43 -19.96
N LEU B 208 -11.71 32.42 -19.13
CA LEU B 208 -12.96 31.76 -19.48
C LEU B 208 -13.69 32.51 -20.60
N LYS B 209 -13.82 33.84 -20.45
CA LYS B 209 -14.37 34.73 -21.48
C LYS B 209 -13.64 34.57 -22.82
N ASP B 210 -12.31 34.61 -22.74
CA ASP B 210 -11.43 34.40 -23.90
C ASP B 210 -11.61 33.04 -24.55
N HIS B 211 -11.77 32.00 -23.73
CA HIS B 211 -11.95 30.64 -24.24
C HIS B 211 -13.32 30.43 -24.91
N VAL B 212 -14.38 30.99 -24.31
CA VAL B 212 -15.72 30.96 -24.90
C VAL B 212 -15.74 31.72 -26.22
N THR B 213 -15.03 32.85 -26.27
CA THR B 213 -14.87 33.65 -27.50
C THR B 213 -14.16 32.88 -28.63
N PHE B 214 -13.04 32.21 -28.29
CA PHE B 214 -12.21 31.54 -29.31
C PHE B 214 -12.70 30.15 -29.75
N ASN B 215 -13.45 29.46 -28.90
CA ASN B 215 -14.07 28.17 -29.26
C ASN B 215 -15.32 28.28 -30.16
N ASN B 216 -15.59 29.49 -30.67
CA ASN B 216 -16.55 29.73 -31.76
C ASN B 216 -16.08 30.88 -32.65
N ASN B 223 -24.65 34.57 -24.15
CA ASN B 223 -25.60 33.48 -23.76
C ASN B 223 -24.92 32.30 -23.05
N TYR B 224 -23.93 31.71 -23.70
CA TYR B 224 -23.29 30.48 -23.21
C TYR B 224 -22.48 30.71 -21.93
N LEU B 225 -21.80 31.86 -21.88
CA LEU B 225 -21.00 32.25 -20.70
C LEU B 225 -21.84 32.46 -19.44
N SER B 226 -23.05 32.99 -19.60
CA SER B 226 -23.92 33.24 -18.44
C SER B 226 -24.64 31.97 -17.95
N LYS B 227 -24.88 31.02 -18.85
CA LYS B 227 -25.40 29.70 -18.45
C LYS B 227 -24.31 28.89 -17.72
N LEU B 228 -23.06 29.11 -18.13
CA LEU B 228 -21.88 28.52 -17.52
C LEU B 228 -21.70 29.01 -16.06
N LEU B 229 -21.68 30.32 -15.90
CA LEU B 229 -21.62 30.94 -14.58
C LEU B 229 -22.87 30.70 -13.75
N GLY B 230 -24.01 30.50 -14.42
CA GLY B 230 -25.27 30.16 -13.78
C GLY B 230 -25.29 28.83 -13.05
N LYS B 231 -24.34 27.94 -13.38
CA LYS B 231 -24.16 26.67 -12.65
C LYS B 231 -23.62 26.86 -11.24
N LEU B 232 -22.87 27.95 -11.01
CA LEU B 232 -22.30 28.24 -9.67
C LEU B 232 -23.36 28.46 -8.57
N PRO B 233 -24.45 29.24 -8.83
CA PRO B 233 -25.56 29.27 -7.82
C PRO B 233 -26.40 27.99 -7.68
N GLU B 234 -26.44 27.13 -8.71
CA GLU B 234 -27.12 25.83 -8.57
C GLU B 234 -26.38 24.92 -7.60
N LEU B 235 -25.07 25.15 -7.45
CA LEU B 235 -24.23 24.37 -6.53
C LEU B 235 -24.50 24.68 -5.07
N ARG B 236 -24.88 25.93 -4.78
CA ARG B 236 -25.28 26.34 -3.43
C ARG B 236 -26.37 25.40 -2.86
N THR B 237 -27.42 25.12 -3.64
CA THR B 237 -28.54 24.27 -3.21
C THR B 237 -28.07 22.85 -2.88
N LEU B 238 -27.17 22.33 -3.72
CA LEU B 238 -26.66 20.97 -3.53
C LEU B 238 -25.78 20.85 -2.30
N CYS B 239 -25.02 21.90 -2.02
CA CYS B 239 -24.24 22.01 -0.79
C CYS B 239 -25.14 21.93 0.46
N THR B 240 -26.16 22.80 0.55
CA THR B 240 -27.19 22.77 1.60
C THR B 240 -27.87 21.40 1.71
N GLN B 241 -28.08 20.73 0.58
CA GLN B 241 -28.65 19.39 0.61
C GLN B 241 -27.69 18.34 1.23
N GLY B 242 -26.40 18.45 0.96
CA GLY B 242 -25.39 17.59 1.62
C GLY B 242 -25.38 17.81 3.13
N LEU B 243 -25.22 19.07 3.53
CA LEU B 243 -25.29 19.48 4.92
C LEU B 243 -26.54 18.95 5.63
N GLN B 244 -27.68 19.00 4.93
CA GLN B 244 -28.94 18.39 5.39
C GLN B 244 -28.79 16.90 5.70
N ARG B 245 -28.08 16.18 4.82
CA ARG B 245 -27.84 14.75 5.00
C ARG B 245 -26.94 14.44 6.23
N ILE B 246 -25.78 15.09 6.31
CA ILE B 246 -24.88 14.98 7.47
C ILE B 246 -25.61 15.33 8.79
N PHE B 247 -26.42 16.40 8.78
CA PHE B 247 -27.28 16.77 9.91
C PHE B 247 -28.20 15.61 10.30
N TYR B 248 -28.90 15.02 9.31
CA TYR B 248 -29.76 13.87 9.59
C TYR B 248 -28.99 12.73 10.26
N LEU B 249 -27.87 12.34 9.64
CA LEU B 249 -27.05 11.19 10.09
C LEU B 249 -26.52 11.39 11.49
N LYS B 250 -26.01 12.59 11.75
CA LYS B 250 -25.43 12.97 13.05
C LYS B 250 -26.49 12.97 14.14
N LEU B 251 -27.74 13.26 13.75
CA LEU B 251 -28.90 13.28 14.65
C LEU B 251 -29.32 11.87 15.00
N GLU B 252 -29.44 11.05 13.95
CA GLU B 252 -29.73 9.61 14.02
C GLU B 252 -28.70 8.85 14.87
N ASP B 253 -27.43 9.24 14.76
CA ASP B 253 -26.33 8.72 15.58
C ASP B 253 -26.17 7.19 15.50
N LEU B 254 -26.19 6.67 14.27
CA LEU B 254 -25.92 5.26 13.99
C LEU B 254 -24.43 5.08 13.65
N VAL B 255 -23.94 5.85 12.67
CA VAL B 255 -22.51 6.01 12.48
C VAL B 255 -22.18 7.49 12.71
N PRO B 256 -21.36 7.78 13.74
CA PRO B 256 -20.89 9.14 13.95
C PRO B 256 -19.96 9.56 12.81
N PRO B 257 -19.98 10.86 12.44
CA PRO B 257 -19.09 11.29 11.34
C PRO B 257 -17.62 11.27 11.78
N PRO B 258 -16.68 10.99 10.87
CA PRO B 258 -15.27 11.14 11.25
C PRO B 258 -14.92 12.58 11.62
N ALA B 259 -13.94 12.70 12.51
CA ALA B 259 -13.40 13.96 13.05
C ALA B 259 -13.40 15.13 12.07
N ILE B 260 -12.91 14.90 10.84
CA ILE B 260 -12.79 15.97 9.85
C ILE B 260 -14.13 16.47 9.29
N ILE B 261 -15.09 15.57 9.10
CA ILE B 261 -16.46 15.94 8.70
C ILE B 261 -17.20 16.64 9.84
N ASP B 262 -17.12 16.07 11.03
CA ASP B 262 -17.69 16.66 12.24
C ASP B 262 -17.21 18.10 12.43
N LYS B 263 -15.89 18.32 12.30
CA LYS B 263 -15.27 19.65 12.47
C LYS B 263 -15.73 20.64 11.41
N LEU B 264 -15.63 20.24 10.14
CA LEU B 264 -16.06 21.09 9.03
C LEU B 264 -17.56 21.40 9.09
N PHE B 265 -18.35 20.36 9.37
CA PHE B 265 -19.80 20.51 9.56
C PHE B 265 -20.12 21.51 10.68
N LEU B 266 -19.57 21.29 11.87
CA LEU B 266 -19.89 22.09 13.04
C LEU B 266 -19.43 23.54 12.94
N ASP B 267 -18.23 23.74 12.36
CA ASP B 267 -17.63 25.08 12.20
C ASP B 267 -18.30 25.92 11.13
N THR B 268 -18.84 25.26 10.09
CA THR B 268 -19.46 25.92 8.94
C THR B 268 -20.88 26.45 9.24
N LEU B 269 -21.53 25.89 10.25
CA LEU B 269 -22.91 26.27 10.53
C LEU B 269 -23.02 27.69 11.09
N PRO B 270 -23.85 28.53 10.46
CA PRO B 270 -23.97 29.90 10.94
C PRO B 270 -24.85 30.02 12.20
N PHE B 271 -25.38 28.91 12.68
CA PHE B 271 -26.10 28.87 13.98
C PHE B 271 -25.59 27.69 14.80
N PRO C 33 -11.08 -5.41 8.93
CA PRO C 33 -10.15 -4.41 8.40
C PRO C 33 -8.77 -5.03 8.10
N PRO C 34 -8.16 -4.71 6.93
CA PRO C 34 -7.03 -5.52 6.42
C PRO C 34 -5.67 -5.28 7.11
N VAL C 35 -4.92 -6.35 7.35
CA VAL C 35 -3.54 -6.28 7.81
C VAL C 35 -2.66 -5.77 6.67
N SER C 36 -1.68 -4.90 6.99
CA SER C 36 -0.66 -4.45 6.03
C SER C 36 0.24 -5.63 5.59
N LEU C 37 0.83 -5.55 4.40
CA LEU C 37 1.68 -6.66 3.90
C LEU C 37 3.01 -6.82 4.65
N ILE C 38 3.64 -5.70 4.97
CA ILE C 38 4.84 -5.71 5.83
C ILE C 38 4.49 -6.23 7.25
N SER C 39 3.33 -5.80 7.76
CA SER C 39 2.83 -6.27 9.05
C SER C 39 2.54 -7.76 9.06
N ALA C 40 2.14 -8.31 7.91
CA ALA C 40 1.92 -9.75 7.78
C ALA C 40 3.24 -10.51 7.76
N LEU C 41 4.26 -9.92 7.12
CA LEU C 41 5.60 -10.50 7.08
C LEU C 41 6.31 -10.45 8.44
N VAL C 42 6.09 -9.38 9.19
CA VAL C 42 6.53 -9.34 10.58
C VAL C 42 5.86 -10.46 11.39
N ARG C 43 4.54 -10.58 11.24
CA ARG C 43 3.77 -11.60 11.96
C ARG C 43 4.25 -13.03 11.64
N ALA C 44 4.54 -13.30 10.36
CA ALA C 44 5.09 -14.59 9.90
C ALA C 44 6.44 -14.90 10.55
N HIS C 45 7.33 -13.92 10.56
CA HIS C 45 8.62 -14.04 11.25
C HIS C 45 8.48 -14.25 12.78
N VAL C 46 7.70 -13.41 13.45
CA VAL C 46 7.56 -13.53 14.89
C VAL C 46 6.98 -14.87 15.33
N ASP C 47 5.91 -15.33 14.67
CA ASP C 47 5.27 -16.60 14.99
C ASP C 47 6.06 -17.84 14.61
N SER C 48 7.15 -17.65 13.89
CA SER C 48 7.98 -18.79 13.51
C SER C 48 9.38 -18.75 14.13
N ASN C 49 9.57 -17.94 15.16
CA ASN C 49 10.89 -17.83 15.79
C ASN C 49 10.87 -18.15 17.28
N PRO C 50 11.99 -18.65 17.83
CA PRO C 50 12.00 -18.98 19.26
C PRO C 50 11.98 -17.73 20.15
N ALA C 51 11.57 -17.93 21.41
CA ALA C 51 11.49 -16.88 22.42
C ALA C 51 12.89 -16.47 22.88
N MET C 52 13.28 -15.22 22.62
CA MET C 52 14.67 -14.77 22.79
C MET C 52 15.20 -14.59 24.22
N THR C 53 14.33 -14.66 25.23
CA THR C 53 14.80 -14.60 26.62
C THR C 53 14.59 -15.92 27.38
N SER C 54 13.81 -16.82 26.78
CA SER C 54 13.59 -18.17 27.31
C SER C 54 14.16 -19.20 26.32
N LEU C 55 15.48 -19.35 26.34
CA LEU C 55 16.21 -20.17 25.37
C LEU C 55 16.76 -21.44 26.00
N ASP C 56 17.00 -22.46 25.16
CA ASP C 56 17.56 -23.72 25.63
C ASP C 56 19.10 -23.71 25.62
N TYR C 57 19.66 -23.57 26.83
CA TYR C 57 21.11 -23.53 27.04
C TYR C 57 21.66 -24.87 27.51
N SER C 58 20.77 -25.88 27.57
CA SER C 58 21.09 -27.20 28.16
C SER C 58 22.21 -27.99 27.46
N ARG C 59 22.44 -27.68 26.19
CA ARG C 59 23.48 -28.31 25.39
C ARG C 59 24.72 -27.44 25.25
N PHE C 60 24.58 -26.15 25.57
CA PHE C 60 25.64 -25.15 25.40
C PHE C 60 26.87 -25.39 26.26
N GLN C 61 27.98 -25.68 25.58
CA GLN C 61 29.31 -25.83 26.17
C GLN C 61 30.26 -24.78 25.61
N ALA C 62 30.78 -23.93 26.50
CA ALA C 62 31.67 -22.81 26.14
C ALA C 62 33.09 -23.25 25.72
N ASN C 63 33.71 -24.11 26.53
CA ASN C 63 35.14 -24.46 26.44
C ASN C 63 36.06 -23.24 26.60
N ASP C 72 32.78 -36.96 13.78
CA ASP C 72 32.01 -37.98 14.54
C ASP C 72 30.54 -38.08 14.14
N THR C 73 30.00 -39.29 14.29
CA THR C 73 28.63 -39.67 13.94
C THR C 73 27.58 -38.77 14.61
N GLN C 74 27.72 -38.56 15.92
CA GLN C 74 26.78 -37.79 16.73
C GLN C 74 26.67 -36.33 16.31
N HIS C 75 27.79 -35.73 15.90
CA HIS C 75 27.79 -34.34 15.42
C HIS C 75 27.11 -34.14 14.07
N ILE C 76 27.26 -35.13 13.19
CA ILE C 76 26.66 -35.17 11.86
C ILE C 76 25.14 -35.43 11.97
N GLN C 77 24.79 -36.39 12.83
CA GLN C 77 23.39 -36.66 13.19
C GLN C 77 22.70 -35.39 13.70
N GLN C 78 23.37 -34.71 14.63
CA GLN C 78 22.89 -33.47 15.25
C GLN C 78 22.74 -32.34 14.22
N PHE C 79 23.70 -32.26 13.30
CA PHE C 79 23.67 -31.34 12.19
C PHE C 79 22.42 -31.58 11.33
N TYR C 80 22.16 -32.83 10.97
CA TYR C 80 20.93 -33.22 10.27
C TYR C 80 19.66 -32.81 11.02
N ASP C 81 19.61 -33.10 12.33
CA ASP C 81 18.43 -32.81 13.19
C ASP C 81 18.09 -31.32 13.25
N LEU C 82 19.13 -30.48 13.35
CA LEU C 82 18.96 -29.03 13.32
C LEU C 82 18.35 -28.55 12.01
N LEU C 83 18.76 -29.17 10.90
CA LEU C 83 18.14 -28.89 9.60
C LEU C 83 16.70 -29.39 9.53
N THR C 84 16.47 -30.67 9.84
CA THR C 84 15.12 -31.25 9.73
C THR C 84 14.13 -30.59 10.68
N GLY C 85 14.57 -30.36 11.93
CA GLY C 85 13.76 -29.70 12.99
C GLY C 85 13.32 -28.31 12.61
N SER C 86 13.95 -27.78 11.57
CA SER C 86 13.75 -26.42 11.16
C SER C 86 12.83 -26.33 9.94
N MET C 87 12.59 -27.46 9.30
CA MET C 87 11.87 -27.49 8.02
C MET C 87 10.39 -27.17 8.13
N GLU C 88 9.68 -27.79 9.10
CA GLU C 88 8.25 -27.48 9.29
C GLU C 88 8.01 -26.05 9.77
N ILE C 89 8.89 -25.54 10.62
CA ILE C 89 8.84 -24.15 11.06
C ILE C 89 8.89 -23.16 9.86
N ILE C 90 9.87 -23.35 8.99
CA ILE C 90 10.08 -22.44 7.84
C ILE C 90 8.95 -22.62 6.85
N ARG C 91 8.53 -23.86 6.63
CA ARG C 91 7.35 -24.15 5.80
C ARG C 91 6.11 -23.40 6.34
N GLY C 92 5.91 -23.45 7.66
CA GLY C 92 4.84 -22.70 8.35
C GLY C 92 4.91 -21.18 8.17
N TRP C 93 6.15 -20.66 8.23
CA TRP C 93 6.44 -19.24 7.96
C TRP C 93 6.02 -18.86 6.53
N ALA C 94 6.37 -19.74 5.58
CA ALA C 94 6.12 -19.53 4.15
C ALA C 94 4.62 -19.42 3.86
N GLU C 95 3.85 -20.33 4.45
CA GLU C 95 2.41 -20.36 4.30
C GLU C 95 1.70 -19.19 4.98
N LYS C 96 2.45 -18.38 5.74
CA LYS C 96 1.88 -17.19 6.33
C LYS C 96 2.26 -15.94 5.54
N ILE C 97 2.97 -16.13 4.43
CA ILE C 97 3.22 -15.03 3.50
C ILE C 97 1.98 -14.86 2.59
N PRO C 98 1.33 -13.68 2.65
CA PRO C 98 0.11 -13.48 1.86
C PRO C 98 0.39 -13.70 0.38
N GLY C 99 -0.53 -14.41 -0.27
CA GLY C 99 -0.38 -14.74 -1.69
C GLY C 99 0.38 -16.03 -1.97
N PHE C 100 1.28 -16.43 -1.06
CA PHE C 100 2.08 -17.65 -1.24
C PHE C 100 1.19 -18.87 -1.33
N ALA C 101 0.21 -18.96 -0.44
CA ALA C 101 -0.77 -20.06 -0.39
C ALA C 101 -1.62 -20.20 -1.67
N ASP C 102 -1.83 -19.09 -2.38
CA ASP C 102 -2.58 -19.09 -3.66
C ASP C 102 -1.77 -19.47 -4.89
N LEU C 103 -0.43 -19.53 -4.77
CA LEU C 103 0.43 -20.02 -5.85
C LEU C 103 0.19 -21.54 -6.03
N PRO C 104 0.46 -22.08 -7.25
CA PRO C 104 0.33 -23.53 -7.43
C PRO C 104 1.16 -24.36 -6.43
N LYS C 105 0.57 -25.48 -6.02
CA LYS C 105 1.17 -26.41 -5.06
C LYS C 105 2.62 -26.81 -5.44
N ALA C 106 2.84 -27.05 -6.73
CA ALA C 106 4.17 -27.39 -7.25
C ALA C 106 5.13 -26.22 -7.10
N ASP C 107 4.65 -25.00 -7.35
CA ASP C 107 5.44 -23.77 -7.17
C ASP C 107 5.78 -23.47 -5.72
N GLN C 108 4.79 -23.63 -4.83
CA GLN C 108 5.01 -23.55 -3.38
C GLN C 108 6.14 -24.49 -2.93
N ASP C 109 6.08 -25.74 -3.39
CA ASP C 109 7.12 -26.74 -3.03
C ASP C 109 8.49 -26.42 -3.59
N LEU C 110 8.53 -25.97 -4.85
CA LEU C 110 9.78 -25.55 -5.50
C LEU C 110 10.41 -24.32 -4.82
N LEU C 111 9.61 -23.28 -4.57
CA LEU C 111 10.07 -22.10 -3.82
C LEU C 111 10.60 -22.46 -2.45
N PHE C 112 9.87 -23.30 -1.71
CA PHE C 112 10.28 -23.64 -0.36
C PHE C 112 11.63 -24.39 -0.36
N GLU C 113 11.67 -25.50 -1.10
CA GLU C 113 12.81 -26.38 -1.12
C GLU C 113 14.05 -25.68 -1.66
N SER C 114 13.86 -24.82 -2.66
CA SER C 114 14.99 -24.10 -3.27
C SER C 114 15.65 -23.13 -2.31
N ALA C 115 14.85 -22.55 -1.43
CA ALA C 115 15.29 -21.48 -0.52
C ALA C 115 15.50 -21.96 0.90
N PHE C 116 15.15 -23.22 1.19
CA PHE C 116 15.21 -23.73 2.54
C PHE C 116 16.55 -23.42 3.23
N LEU C 117 17.65 -23.91 2.64
CA LEU C 117 18.98 -23.76 3.22
C LEU C 117 19.38 -22.29 3.39
N GLU C 118 19.00 -21.47 2.41
CA GLU C 118 19.14 -20.03 2.49
C GLU C 118 18.37 -19.42 3.68
N LEU C 119 17.11 -19.81 3.87
CA LEU C 119 16.32 -19.33 4.98
C LEU C 119 16.82 -19.86 6.31
N PHE C 120 17.20 -21.13 6.35
CA PHE C 120 17.84 -21.72 7.53
C PHE C 120 19.07 -20.91 7.97
N VAL C 121 19.95 -20.59 7.02
CA VAL C 121 21.18 -19.83 7.30
C VAL C 121 20.87 -18.41 7.70
N LEU C 122 20.04 -17.72 6.91
CA LEU C 122 19.64 -16.34 7.16
C LEU C 122 19.03 -16.10 8.55
N ARG C 123 18.08 -16.95 8.93
CA ARG C 123 17.36 -16.83 10.18
C ARG C 123 18.26 -17.15 11.37
N LEU C 124 19.11 -18.17 11.20
CA LEU C 124 20.18 -18.50 12.16
C LEU C 124 21.07 -17.27 12.42
N ALA C 125 21.47 -16.61 11.34
CA ALA C 125 22.41 -15.51 11.36
C ALA C 125 21.85 -14.29 12.07
N TYR C 126 20.55 -14.06 11.91
CA TYR C 126 19.89 -12.87 12.44
C TYR C 126 19.61 -12.98 13.93
N ARG C 127 19.43 -14.22 14.37
CA ARG C 127 19.00 -14.57 15.73
C ARG C 127 20.18 -14.73 16.67
N SER C 128 21.30 -15.19 16.13
CA SER C 128 22.49 -15.54 16.91
C SER C 128 23.26 -14.31 17.38
N ASN C 129 24.15 -14.51 18.35
CA ASN C 129 25.16 -13.51 18.70
C ASN C 129 26.53 -13.97 18.18
N PRO C 130 26.95 -13.50 16.97
CA PRO C 130 28.25 -13.85 16.40
C PRO C 130 29.47 -13.51 17.29
N VAL C 131 29.46 -12.36 17.97
CA VAL C 131 30.58 -11.94 18.83
C VAL C 131 30.94 -13.00 19.89
N GLU C 132 29.92 -13.59 20.51
CA GLU C 132 30.11 -14.58 21.58
C GLU C 132 30.28 -16.01 21.06
N GLY C 133 30.13 -16.15 19.75
CA GLY C 133 30.15 -17.45 19.07
C GLY C 133 28.90 -18.30 19.27
N LYS C 134 27.81 -17.67 19.71
CA LYS C 134 26.55 -18.36 20.03
C LYS C 134 25.66 -18.49 18.81
N LEU C 135 25.39 -19.72 18.37
CA LEU C 135 24.39 -19.99 17.34
C LEU C 135 23.08 -20.39 18.00
N ILE C 136 22.03 -19.68 17.64
CA ILE C 136 20.71 -19.87 18.25
C ILE C 136 19.77 -20.41 17.16
N PHE C 137 19.37 -21.65 17.34
CA PHE C 137 18.60 -22.37 16.35
C PHE C 137 17.11 -22.17 16.56
N CYS C 138 16.31 -22.53 15.56
CA CYS C 138 14.89 -22.15 15.57
C CYS C 138 14.05 -22.78 16.69
N ASN C 139 14.58 -23.79 17.35
CA ASN C 139 13.97 -24.38 18.55
C ASN C 139 14.47 -23.74 19.85
N GLY C 140 15.36 -22.75 19.73
CA GLY C 140 15.91 -22.07 20.88
C GLY C 140 17.19 -22.67 21.46
N VAL C 141 17.55 -23.86 20.98
CA VAL C 141 18.82 -24.51 21.36
C VAL C 141 20.00 -23.59 21.02
N VAL C 142 20.83 -23.34 22.02
CA VAL C 142 22.03 -22.52 21.88
C VAL C 142 23.25 -23.45 21.85
N LEU C 143 24.07 -23.34 20.79
CA LEU C 143 25.36 -24.06 20.73
C LEU C 143 26.49 -23.09 20.40
N HIS C 144 27.67 -23.36 20.96
CA HIS C 144 28.86 -22.60 20.55
C HIS C 144 29.32 -23.02 19.14
N ARG C 145 29.89 -22.06 18.42
CA ARG C 145 30.52 -22.26 17.11
C ARG C 145 31.46 -23.48 17.08
N LEU C 146 32.25 -23.64 18.15
CA LEU C 146 33.13 -24.81 18.35
C LEU C 146 32.37 -26.14 18.36
N GLN C 147 31.17 -26.15 18.95
CA GLN C 147 30.33 -27.36 19.02
C GLN C 147 29.74 -27.75 17.66
N CYS C 148 29.62 -26.77 16.78
CA CYS C 148 29.04 -26.99 15.45
C CYS C 148 30.03 -27.48 14.40
N VAL C 149 31.34 -27.30 14.66
CA VAL C 149 32.40 -27.49 13.65
C VAL C 149 32.47 -28.90 13.05
N ARG C 150 32.43 -29.92 13.90
CA ARG C 150 32.50 -31.31 13.44
C ARG C 150 31.32 -31.71 12.54
N GLY C 151 30.12 -31.25 12.90
CA GLY C 151 28.91 -31.53 12.10
C GLY C 151 28.75 -30.66 10.86
N PHE C 152 28.84 -29.35 11.06
CA PHE C 152 28.69 -28.39 9.96
C PHE C 152 29.89 -28.34 9.01
N GLY C 153 31.09 -28.62 9.52
CA GLY C 153 32.34 -28.33 8.83
C GLY C 153 32.70 -26.86 9.00
N GLU C 154 33.66 -26.41 8.19
CA GLU C 154 34.12 -25.01 8.13
C GLU C 154 32.97 -24.04 7.82
N TRP C 155 31.91 -24.57 7.22
CA TRP C 155 30.69 -23.84 6.85
C TRP C 155 30.12 -22.92 7.94
N ILE C 156 30.22 -23.31 9.22
CA ILE C 156 29.79 -22.43 10.34
C ILE C 156 30.62 -21.17 10.49
N ASP C 157 31.91 -21.22 10.12
CA ASP C 157 32.75 -20.02 10.11
C ASP C 157 32.20 -19.00 9.11
N SER C 158 31.88 -19.47 7.91
CA SER C 158 31.20 -18.67 6.88
C SER C 158 29.85 -18.13 7.34
N ILE C 159 29.11 -18.96 8.10
CA ILE C 159 27.83 -18.58 8.70
C ILE C 159 28.03 -17.50 9.77
N VAL C 160 28.96 -17.73 10.71
CA VAL C 160 29.21 -16.79 11.82
C VAL C 160 29.67 -15.45 11.26
N GLU C 161 30.51 -15.49 10.23
CA GLU C 161 31.00 -14.31 9.51
C GLU C 161 29.84 -13.54 8.87
N PHE C 162 28.98 -14.25 8.12
CA PHE C 162 27.80 -13.66 7.47
C PHE C 162 26.84 -13.08 8.50
N SER C 163 26.66 -13.79 9.61
CA SER C 163 25.89 -13.31 10.77
C SER C 163 26.37 -11.95 11.29
N SER C 164 27.70 -11.81 11.45
CA SER C 164 28.32 -10.53 11.83
C SER C 164 27.99 -9.40 10.85
N ASN C 165 28.28 -9.68 9.55
CA ASN C 165 28.04 -8.69 8.49
C ASN C 165 26.58 -8.24 8.43
N LEU C 166 25.66 -9.21 8.58
CA LEU C 166 24.22 -8.96 8.60
C LEU C 166 23.79 -8.10 9.80
N GLN C 167 24.26 -8.46 10.99
CA GLN C 167 23.96 -7.67 12.19
C GLN C 167 24.52 -6.26 12.21
N ASN C 168 25.73 -6.08 11.65
CA ASN C 168 26.38 -4.76 11.52
C ASN C 168 25.54 -3.71 10.79
N MET C 169 24.65 -4.17 9.91
CA MET C 169 23.73 -3.31 9.16
C MET C 169 22.50 -2.83 9.93
N ASN C 170 22.32 -3.31 11.18
CA ASN C 170 21.23 -2.91 12.10
C ASN C 170 19.83 -3.00 11.50
N ILE C 171 19.54 -4.15 10.91
CA ILE C 171 18.27 -4.40 10.22
C ILE C 171 17.19 -4.68 11.25
N ASP C 172 16.18 -3.80 11.31
CA ASP C 172 15.02 -4.02 12.16
C ASP C 172 14.15 -5.22 11.67
N ILE C 173 13.18 -5.61 12.51
CA ILE C 173 12.29 -6.74 12.25
C ILE C 173 11.49 -6.59 10.93
N SER C 174 11.03 -5.37 10.66
CA SER C 174 10.23 -5.10 9.46
C SER C 174 11.02 -5.30 8.18
N ALA C 175 12.25 -4.76 8.13
CA ALA C 175 13.12 -4.94 6.97
C ALA C 175 13.54 -6.40 6.80
N PHE C 176 13.94 -7.02 7.91
CA PHE C 176 14.38 -8.41 7.88
C PHE C 176 13.29 -9.32 7.33
N SER C 177 12.07 -9.08 7.81
CA SER C 177 10.93 -9.89 7.39
C SER C 177 10.78 -9.89 5.89
N CYS C 178 11.08 -8.75 5.26
CA CYS C 178 11.05 -8.59 3.80
C CYS C 178 12.20 -9.32 3.12
N ILE C 179 13.41 -9.17 3.66
CA ILE C 179 14.61 -9.87 3.14
C ILE C 179 14.39 -11.39 3.16
N ALA C 180 13.91 -11.91 4.28
CA ALA C 180 13.62 -13.34 4.43
C ALA C 180 12.61 -13.81 3.38
N ALA C 181 11.57 -13.00 3.17
CA ALA C 181 10.56 -13.26 2.16
C ALA C 181 11.14 -13.25 0.75
N LEU C 182 11.99 -12.25 0.46
CA LEU C 182 12.67 -12.14 -0.84
C LEU C 182 13.62 -13.27 -1.15
N ALA C 183 14.26 -13.84 -0.12
CA ALA C 183 15.06 -15.06 -0.26
C ALA C 183 14.23 -16.21 -0.82
N MET C 184 12.94 -16.23 -0.47
CA MET C 184 12.07 -17.28 -0.98
C MET C 184 11.28 -16.93 -2.25
N VAL C 185 10.66 -15.74 -2.26
CA VAL C 185 9.83 -15.32 -3.38
C VAL C 185 10.77 -14.74 -4.43
N THR C 186 11.24 -15.65 -5.28
CA THR C 186 12.26 -15.39 -6.30
C THR C 186 12.13 -16.31 -7.52
N GLU C 187 12.70 -15.86 -8.63
CA GLU C 187 12.75 -16.58 -9.90
C GLU C 187 13.40 -17.95 -9.72
N ARG C 188 12.69 -18.99 -10.13
CA ARG C 188 13.21 -20.36 -10.09
C ARG C 188 12.88 -21.12 -11.35
N HIS C 189 13.85 -21.89 -11.85
CA HIS C 189 13.65 -22.72 -13.03
C HIS C 189 12.65 -23.83 -12.68
N GLY C 190 11.61 -23.95 -13.49
CA GLY C 190 10.55 -24.93 -13.28
C GLY C 190 9.26 -24.40 -12.70
N LEU C 191 9.16 -23.07 -12.50
CA LEU C 191 7.97 -22.41 -11.99
C LEU C 191 6.81 -22.50 -12.99
N LYS C 192 5.64 -22.88 -12.48
CA LYS C 192 4.44 -23.05 -13.30
C LYS C 192 3.81 -21.71 -13.66
N GLU C 193 3.54 -20.88 -12.66
CA GLU C 193 3.08 -19.51 -12.88
C GLU C 193 4.10 -18.49 -12.38
N PRO C 194 5.19 -18.28 -13.16
CA PRO C 194 6.31 -17.45 -12.68
C PRO C 194 5.96 -15.96 -12.60
N LYS C 195 4.92 -15.55 -13.32
CA LYS C 195 4.44 -14.17 -13.33
C LYS C 195 3.94 -13.72 -11.96
N ARG C 196 3.08 -14.53 -11.33
CA ARG C 196 2.51 -14.21 -10.01
C ARG C 196 3.50 -14.34 -8.86
N VAL C 197 4.58 -15.09 -9.07
CA VAL C 197 5.75 -15.11 -8.16
C VAL C 197 6.48 -13.77 -8.29
N GLU C 198 6.75 -13.36 -9.53
CA GLU C 198 7.36 -12.05 -9.82
C GLU C 198 6.54 -10.88 -9.25
N GLU C 199 5.22 -10.91 -9.43
CA GLU C 199 4.30 -9.86 -8.94
C GLU C 199 4.21 -9.78 -7.41
N LEU C 200 4.36 -10.92 -6.73
CA LEU C 200 4.41 -10.95 -5.27
C LEU C 200 5.77 -10.46 -4.76
N GLN C 201 6.84 -10.92 -5.41
CA GLN C 201 8.21 -10.46 -5.18
C GLN C 201 8.27 -8.92 -5.16
N ASN C 202 7.84 -8.30 -6.26
CA ASN C 202 7.86 -6.85 -6.40
C ASN C 202 7.05 -6.12 -5.34
N LYS C 203 5.88 -6.69 -4.96
CA LYS C 203 5.06 -6.16 -3.86
C LYS C 203 5.86 -6.09 -2.54
N ILE C 204 6.67 -7.12 -2.30
CA ILE C 204 7.55 -7.21 -1.11
C ILE C 204 8.71 -6.23 -1.22
N VAL C 205 9.37 -6.17 -2.38
CA VAL C 205 10.44 -5.19 -2.68
C VAL C 205 9.96 -3.76 -2.35
N ASN C 206 8.72 -3.46 -2.76
CA ASN C 206 8.08 -2.16 -2.58
C ASN C 206 7.81 -1.72 -1.14
N CYS C 207 7.26 -2.61 -0.32
CA CYS C 207 7.06 -2.23 1.08
C CYS C 207 8.34 -2.35 1.91
N LEU C 208 9.35 -3.03 1.36
CA LEU C 208 10.72 -2.91 1.89
C LEU C 208 11.27 -1.53 1.54
N LYS C 209 11.12 -1.14 0.26
CA LYS C 209 11.40 0.22 -0.25
C LYS C 209 10.77 1.31 0.61
N ASP C 210 9.44 1.21 0.80
CA ASP C 210 8.64 2.21 1.51
C ASP C 210 9.01 2.32 2.98
N HIS C 211 9.28 1.18 3.62
CA HIS C 211 9.67 1.13 5.03
C HIS C 211 11.06 1.70 5.32
N VAL C 212 12.03 1.41 4.45
CA VAL C 212 13.38 2.03 4.53
C VAL C 212 13.28 3.56 4.39
N THR C 213 12.46 4.01 3.44
CA THR C 213 12.20 5.44 3.17
C THR C 213 11.57 6.13 4.39
N PHE C 214 10.68 5.42 5.08
CA PHE C 214 10.04 5.90 6.32
C PHE C 214 11.06 6.08 7.46
N ASN C 215 12.06 5.20 7.51
CA ASN C 215 13.20 5.28 8.44
C ASN C 215 14.25 6.33 8.02
N ASN C 216 14.11 6.84 6.79
CA ASN C 216 14.96 7.90 6.20
C ASN C 216 16.46 7.60 6.11
N PRO C 222 18.03 4.53 0.59
CA PRO C 222 18.15 4.75 -0.86
C PRO C 222 19.30 3.95 -1.49
N ASN C 223 20.55 4.35 -1.19
CA ASN C 223 21.76 3.62 -1.56
C ASN C 223 21.94 2.37 -0.68
N TYR C 224 21.58 2.52 0.60
CA TYR C 224 21.63 1.47 1.62
C TYR C 224 20.74 0.28 1.27
N LEU C 225 19.60 0.59 0.65
CA LEU C 225 18.65 -0.38 0.09
C LEU C 225 19.30 -1.42 -0.84
N SER C 226 20.33 -0.98 -1.56
CA SER C 226 21.15 -1.85 -2.41
C SER C 226 22.01 -2.84 -1.59
N LYS C 227 22.55 -2.38 -0.46
CA LYS C 227 23.36 -3.23 0.45
C LYS C 227 22.51 -4.36 1.07
N LEU C 228 21.30 -4.01 1.50
CA LEU C 228 20.32 -4.95 2.04
C LEU C 228 19.99 -6.06 1.05
N LEU C 229 19.71 -5.68 -0.20
CA LEU C 229 19.43 -6.63 -1.29
C LEU C 229 20.68 -7.38 -1.74
N GLY C 230 21.85 -6.75 -1.57
CA GLY C 230 23.16 -7.37 -1.82
C GLY C 230 23.52 -8.53 -0.89
N LYS C 231 22.87 -8.56 0.28
CA LYS C 231 22.98 -9.68 1.21
C LYS C 231 22.39 -10.97 0.65
N LEU C 232 21.44 -10.85 -0.28
CA LEU C 232 20.77 -12.01 -0.85
C LEU C 232 21.66 -12.87 -1.78
N PRO C 233 22.42 -12.25 -2.72
CA PRO C 233 23.44 -13.07 -3.39
C PRO C 233 24.52 -13.66 -2.45
N GLU C 234 24.95 -12.93 -1.44
CA GLU C 234 25.88 -13.48 -0.41
C GLU C 234 25.33 -14.77 0.22
N LEU C 235 24.03 -14.74 0.53
CA LEU C 235 23.31 -15.87 1.11
C LEU C 235 23.29 -17.08 0.17
N ARG C 236 23.07 -16.83 -1.12
CA ARG C 236 23.14 -17.83 -2.18
C ARG C 236 24.53 -18.51 -2.21
N THR C 237 25.59 -17.73 -2.14
CA THR C 237 26.96 -18.29 -2.13
C THR C 237 27.22 -19.11 -0.85
N LEU C 238 26.73 -18.63 0.28
CA LEU C 238 26.83 -19.32 1.55
C LEU C 238 26.03 -20.64 1.55
N CYS C 239 24.91 -20.63 0.83
CA CYS C 239 24.10 -21.82 0.61
C CYS C 239 24.91 -22.89 -0.12
N THR C 240 25.52 -22.47 -1.23
CA THR C 240 26.43 -23.28 -2.03
C THR C 240 27.44 -24.08 -1.18
N GLN C 241 28.03 -23.44 -0.18
CA GLN C 241 28.87 -24.11 0.80
C GLN C 241 28.16 -25.24 1.58
N GLY C 242 26.95 -24.97 2.06
CA GLY C 242 26.14 -25.97 2.75
C GLY C 242 25.80 -27.16 1.88
N LEU C 243 25.32 -26.87 0.67
CA LEU C 243 24.97 -27.90 -0.31
C LEU C 243 26.13 -28.89 -0.53
N GLN C 244 27.35 -28.36 -0.59
CA GLN C 244 28.60 -29.12 -0.74
C GLN C 244 28.87 -30.10 0.42
N ARG C 245 28.64 -29.64 1.66
CA ARG C 245 28.77 -30.45 2.86
C ARG C 245 27.78 -31.64 2.90
N ILE C 246 26.53 -31.40 2.55
CA ILE C 246 25.53 -32.45 2.43
C ILE C 246 25.90 -33.45 1.32
N PHE C 247 26.34 -32.92 0.18
CA PHE C 247 26.84 -33.75 -0.91
C PHE C 247 27.97 -34.64 -0.43
N TYR C 248 28.92 -34.07 0.32
CA TYR C 248 30.05 -34.82 0.81
C TYR C 248 29.62 -35.98 1.67
N LEU C 249 28.75 -35.68 2.64
CA LEU C 249 28.31 -36.62 3.65
C LEU C 249 27.55 -37.74 3.02
N LYS C 250 26.70 -37.40 2.04
CA LYS C 250 25.88 -38.36 1.33
C LYS C 250 26.75 -39.30 0.51
N LEU C 251 27.80 -38.73 -0.10
CA LEU C 251 28.71 -39.50 -0.94
C LEU C 251 29.63 -40.36 -0.09
N GLU C 252 30.15 -39.77 1.01
CA GLU C 252 30.96 -40.50 1.99
C GLU C 252 30.18 -41.73 2.47
N ASP C 253 28.90 -41.49 2.82
CA ASP C 253 27.92 -42.53 3.14
C ASP C 253 28.27 -43.30 4.40
N LEU C 254 28.90 -42.62 5.36
CA LEU C 254 29.19 -43.21 6.65
C LEU C 254 28.11 -42.88 7.67
N VAL C 255 27.59 -41.66 7.62
CA VAL C 255 26.36 -41.29 8.34
C VAL C 255 25.37 -40.73 7.31
N PRO C 256 24.54 -41.61 6.69
CA PRO C 256 23.66 -41.14 5.61
C PRO C 256 22.62 -40.17 6.15
N PRO C 257 22.24 -39.15 5.33
CA PRO C 257 21.22 -38.19 5.76
C PRO C 257 19.83 -38.83 5.87
N PRO C 258 18.92 -38.23 6.67
CA PRO C 258 17.54 -38.73 6.73
C PRO C 258 16.81 -38.56 5.40
N ALA C 259 15.68 -39.24 5.27
CA ALA C 259 14.91 -39.30 4.03
C ALA C 259 14.55 -37.91 3.51
N ILE C 260 14.19 -37.01 4.42
CA ILE C 260 13.73 -35.67 4.05
C ILE C 260 14.84 -34.78 3.50
N ILE C 261 16.09 -34.99 3.92
CA ILE C 261 17.20 -34.20 3.36
C ILE C 261 17.48 -34.72 1.93
N ASP C 262 17.47 -36.05 1.77
CA ASP C 262 17.58 -36.69 0.46
C ASP C 262 16.57 -36.15 -0.53
N LYS C 263 15.31 -36.03 -0.08
CA LYS C 263 14.22 -35.50 -0.89
C LYS C 263 14.55 -34.10 -1.35
N LEU C 264 14.85 -33.19 -0.40
CA LEU C 264 15.03 -31.79 -0.78
C LEU C 264 16.28 -31.61 -1.62
N PHE C 265 17.35 -32.32 -1.27
CA PHE C 265 18.61 -32.32 -2.04
C PHE C 265 18.45 -32.73 -3.50
N LEU C 266 17.76 -33.85 -3.74
CA LEU C 266 17.62 -34.41 -5.10
C LEU C 266 16.62 -33.64 -5.95
N ASP C 267 15.55 -33.14 -5.31
CA ASP C 267 14.57 -32.25 -5.96
C ASP C 267 15.21 -30.99 -6.50
N THR C 268 16.23 -30.52 -5.80
CA THR C 268 16.78 -29.17 -5.96
C THR C 268 18.01 -29.09 -6.89
N LEU C 269 18.83 -30.13 -6.90
CA LEU C 269 20.07 -30.18 -7.70
C LEU C 269 19.89 -29.61 -9.11
N PRO C 270 20.65 -28.55 -9.48
CA PRO C 270 20.58 -27.95 -10.83
C PRO C 270 21.08 -28.85 -11.97
N PHE C 271 21.72 -29.97 -11.65
CA PHE C 271 22.24 -30.92 -12.66
C PHE C 271 22.16 -32.37 -12.13
N PRO D 33 -25.77 22.32 -27.74
CA PRO D 33 -24.97 21.12 -27.56
C PRO D 33 -23.66 20.91 -28.41
N PRO D 34 -23.28 21.87 -29.29
CA PRO D 34 -22.16 21.51 -30.21
C PRO D 34 -20.74 21.62 -29.58
N VAL D 35 -20.02 20.50 -29.59
CA VAL D 35 -18.63 20.46 -29.10
C VAL D 35 -17.69 20.88 -30.24
N SER D 36 -16.77 21.82 -29.98
CA SER D 36 -15.76 22.23 -30.98
C SER D 36 -14.75 21.11 -31.24
N LEU D 37 -14.05 21.20 -32.38
CA LEU D 37 -13.14 20.14 -32.80
C LEU D 37 -11.95 19.94 -31.85
N ILE D 38 -11.30 21.03 -31.46
CA ILE D 38 -10.16 20.95 -30.56
C ILE D 38 -10.54 20.47 -29.15
N SER D 39 -11.70 20.91 -28.66
CA SER D 39 -12.25 20.40 -27.39
C SER D 39 -12.40 18.90 -27.44
N ALA D 40 -12.94 18.39 -28.55
CA ALA D 40 -13.10 16.95 -28.77
C ALA D 40 -11.76 16.20 -28.77
N LEU D 41 -10.75 16.80 -29.37
CA LEU D 41 -9.40 16.24 -29.41
C LEU D 41 -8.74 16.21 -28.01
N VAL D 42 -8.88 17.32 -27.27
CA VAL D 42 -8.47 17.41 -25.87
C VAL D 42 -9.15 16.30 -25.03
N ARG D 43 -10.47 16.15 -25.17
CA ARG D 43 -11.25 15.13 -24.45
C ARG D 43 -10.77 13.70 -24.77
N ALA D 44 -10.56 13.40 -26.07
CA ALA D 44 -10.09 12.08 -26.50
C ALA D 44 -8.75 11.77 -25.85
N HIS D 45 -7.81 12.72 -25.93
CA HIS D 45 -6.56 12.63 -25.20
C HIS D 45 -6.73 12.38 -23.68
N VAL D 46 -7.44 13.27 -22.98
CA VAL D 46 -7.62 13.13 -21.53
C VAL D 46 -8.24 11.77 -21.16
N ASP D 47 -9.28 11.34 -21.89
CA ASP D 47 -10.00 10.10 -21.55
C ASP D 47 -9.25 8.82 -21.89
N SER D 48 -8.10 8.94 -22.55
CA SER D 48 -7.28 7.79 -22.90
C SER D 48 -5.87 7.86 -22.29
N ASN D 49 -5.70 8.63 -21.22
CA ASN D 49 -4.40 8.74 -20.56
C ASN D 49 -4.45 8.49 -19.06
N PRO D 50 -3.36 7.93 -18.50
CA PRO D 50 -3.38 7.55 -17.09
C PRO D 50 -3.40 8.77 -16.13
N ALA D 51 -3.85 8.51 -14.91
CA ALA D 51 -3.93 9.53 -13.90
C ALA D 51 -2.51 9.74 -13.43
N MET D 52 -1.99 10.95 -13.62
CA MET D 52 -0.63 11.26 -13.17
C MET D 52 -0.55 11.38 -11.63
N THR D 53 -1.69 11.18 -10.94
CA THR D 53 -1.70 10.89 -9.51
C THR D 53 -1.55 9.39 -9.25
N SER D 54 -2.30 8.58 -10.01
CA SER D 54 -2.35 7.13 -9.83
C SER D 54 -1.54 6.38 -10.89
N LEU D 55 -0.23 6.46 -10.74
CA LEU D 55 0.74 5.79 -11.60
C LEU D 55 1.32 4.60 -10.84
N ASP D 56 1.33 3.45 -11.50
CA ASP D 56 1.86 2.22 -10.93
C ASP D 56 3.40 2.24 -10.94
N TYR D 57 3.99 2.61 -9.80
CA TYR D 57 5.48 2.70 -9.66
C TYR D 57 6.08 1.38 -9.08
N SER D 58 5.24 0.33 -9.02
CA SER D 58 5.56 -0.97 -8.38
C SER D 58 6.73 -1.78 -8.98
N ARG D 59 7.11 -1.46 -10.22
CA ARG D 59 8.17 -2.20 -10.92
C ARG D 59 9.43 -1.35 -11.17
N PHE D 60 9.30 -0.03 -11.01
CA PHE D 60 10.39 0.95 -11.20
C PHE D 60 11.61 0.76 -10.28
N GLN D 61 12.81 0.79 -10.87
CA GLN D 61 14.10 0.84 -10.14
C GLN D 61 15.27 1.28 -11.03
N ALA D 62 15.86 2.43 -10.70
CA ALA D 62 17.06 2.96 -11.36
C ALA D 62 18.36 2.41 -10.72
N ASN D 63 18.97 1.42 -11.39
CA ASN D 63 20.25 0.79 -10.98
C ASN D 63 20.83 -0.10 -12.06
N ASP D 72 17.05 -11.38 -22.91
CA ASP D 72 16.17 -12.11 -21.95
C ASP D 72 14.72 -12.19 -22.48
N THR D 73 14.11 -13.35 -22.28
CA THR D 73 12.73 -13.64 -22.69
C THR D 73 11.70 -12.72 -22.00
N GLN D 74 11.87 -12.52 -20.68
CA GLN D 74 10.98 -11.69 -19.85
C GLN D 74 10.91 -10.22 -20.30
N HIS D 75 12.06 -9.65 -20.68
CA HIS D 75 12.13 -8.26 -21.15
C HIS D 75 11.50 -8.02 -22.52
N ILE D 76 11.60 -9.03 -23.39
CA ILE D 76 10.99 -9.01 -24.73
C ILE D 76 9.47 -9.23 -24.58
N GLN D 77 9.06 -10.05 -23.62
CA GLN D 77 7.63 -10.23 -23.34
C GLN D 77 6.98 -8.95 -22.78
N GLN D 78 7.66 -8.32 -21.81
CA GLN D 78 7.27 -7.01 -21.26
C GLN D 78 7.19 -5.94 -22.35
N PHE D 79 8.10 -6.03 -23.33
CA PHE D 79 8.07 -5.15 -24.50
C PHE D 79 6.79 -5.29 -25.34
N TYR D 80 6.43 -6.54 -25.65
CA TYR D 80 5.19 -6.86 -26.37
C TYR D 80 3.96 -6.40 -25.57
N ASP D 81 3.91 -6.73 -24.28
CA ASP D 81 2.78 -6.39 -23.40
C ASP D 81 2.50 -4.89 -23.31
N LEU D 82 3.56 -4.10 -23.20
CA LEU D 82 3.42 -2.64 -23.21
C LEU D 82 2.83 -2.11 -24.51
N LEU D 83 3.15 -2.76 -25.62
CA LEU D 83 2.55 -2.43 -26.94
C LEU D 83 1.09 -2.91 -27.07
N THR D 84 0.82 -4.16 -26.72
CA THR D 84 -0.54 -4.71 -26.85
C THR D 84 -1.51 -4.05 -25.86
N GLY D 85 -1.01 -3.81 -24.64
CA GLY D 85 -1.73 -3.07 -23.57
C GLY D 85 -2.13 -1.65 -23.92
N SER D 86 -1.43 -1.07 -24.90
CA SER D 86 -1.73 0.27 -25.40
C SER D 86 -2.69 0.29 -26.58
N MET D 87 -2.97 -0.88 -27.17
CA MET D 87 -3.68 -0.96 -28.45
C MET D 87 -5.14 -0.58 -28.40
N GLU D 88 -5.92 -1.18 -27.49
CA GLU D 88 -7.34 -0.81 -27.31
C GLU D 88 -7.52 0.63 -26.83
N ILE D 89 -6.64 1.10 -25.94
CA ILE D 89 -6.66 2.49 -25.43
C ILE D 89 -6.45 3.52 -26.56
N ILE D 90 -5.44 3.29 -27.39
CA ILE D 90 -5.17 4.10 -28.59
C ILE D 90 -6.31 3.98 -29.61
N ARG D 91 -6.85 2.78 -29.75
CA ARG D 91 -8.02 2.58 -30.61
C ARG D 91 -9.22 3.39 -30.08
N GLY D 92 -9.46 3.32 -28.77
CA GLY D 92 -10.51 4.10 -28.10
C GLY D 92 -10.38 5.59 -28.35
N TRP D 93 -9.14 6.09 -28.37
CA TRP D 93 -8.82 7.50 -28.63
C TRP D 93 -9.16 7.93 -30.07
N ALA D 94 -8.80 7.08 -31.04
CA ALA D 94 -9.12 7.23 -32.47
C ALA D 94 -10.61 7.41 -32.73
N GLU D 95 -11.42 6.54 -32.13
CA GLU D 95 -12.87 6.58 -32.28
C GLU D 95 -13.52 7.83 -31.66
N LYS D 96 -12.74 8.60 -30.89
CA LYS D 96 -13.26 9.85 -30.30
C LYS D 96 -12.89 11.11 -31.09
N ILE D 97 -12.14 10.92 -32.18
CA ILE D 97 -11.88 12.01 -33.14
C ILE D 97 -13.14 12.18 -34.01
N PRO D 98 -13.85 13.32 -33.88
CA PRO D 98 -15.11 13.49 -34.64
C PRO D 98 -14.88 13.29 -36.13
N GLY D 99 -15.67 12.41 -36.74
CA GLY D 99 -15.47 12.08 -38.14
C GLY D 99 -14.68 10.82 -38.45
N PHE D 100 -13.88 10.33 -37.48
CA PHE D 100 -13.15 9.06 -37.65
C PHE D 100 -14.12 7.89 -37.85
N ALA D 101 -15.14 7.79 -36.99
CA ALA D 101 -16.18 6.75 -37.08
C ALA D 101 -17.05 6.79 -38.36
N ASP D 102 -17.08 7.93 -39.03
CA ASP D 102 -17.79 8.10 -40.31
C ASP D 102 -17.01 7.60 -41.52
N LEU D 103 -15.72 7.34 -41.33
CA LEU D 103 -14.88 6.76 -42.37
C LEU D 103 -15.26 5.28 -42.58
N PRO D 104 -15.04 4.72 -43.81
CA PRO D 104 -15.25 3.28 -43.98
C PRO D 104 -14.35 2.49 -43.03
N LYS D 105 -14.87 1.35 -42.55
CA LYS D 105 -14.18 0.51 -41.57
C LYS D 105 -12.73 0.17 -41.98
N ALA D 106 -12.53 -0.17 -43.26
CA ALA D 106 -11.20 -0.45 -43.82
C ALA D 106 -10.22 0.71 -43.63
N ASP D 107 -10.65 1.95 -43.91
CA ASP D 107 -9.80 3.14 -43.69
C ASP D 107 -9.51 3.38 -42.21
N GLN D 108 -10.50 3.15 -41.35
CA GLN D 108 -10.32 3.23 -39.90
C GLN D 108 -9.17 2.30 -39.45
N ASP D 109 -9.28 1.02 -39.80
CA ASP D 109 -8.28 0.01 -39.47
C ASP D 109 -6.93 0.41 -40.06
N LEU D 110 -6.92 0.68 -41.37
CA LEU D 110 -5.75 1.15 -42.07
C LEU D 110 -5.08 2.34 -41.36
N LEU D 111 -5.85 3.39 -41.09
CA LEU D 111 -5.32 4.56 -40.35
C LEU D 111 -4.79 4.21 -38.96
N PHE D 112 -5.59 3.46 -38.18
CA PHE D 112 -5.21 3.07 -36.82
C PHE D 112 -3.91 2.26 -36.84
N GLU D 113 -3.87 1.24 -37.70
CA GLU D 113 -2.77 0.30 -37.75
C GLU D 113 -1.47 0.95 -38.22
N SER D 114 -1.56 1.77 -39.26
CA SER D 114 -0.39 2.45 -39.83
C SER D 114 0.21 3.47 -38.88
N ALA D 115 -0.63 4.05 -38.01
CA ALA D 115 -0.17 5.07 -37.08
C ALA D 115 0.05 4.56 -35.66
N PHE D 116 -0.36 3.32 -35.38
CA PHE D 116 -0.32 2.83 -34.02
C PHE D 116 1.00 3.12 -33.28
N LEU D 117 2.11 2.69 -33.85
CA LEU D 117 3.42 2.78 -33.20
C LEU D 117 3.87 4.23 -33.00
N GLU D 118 3.52 5.09 -33.96
CA GLU D 118 3.75 6.51 -33.87
C GLU D 118 2.96 7.10 -32.69
N LEU D 119 1.72 6.65 -32.53
CA LEU D 119 0.88 7.09 -31.44
C LEU D 119 1.40 6.58 -30.10
N PHE D 120 1.83 5.32 -30.07
CA PHE D 120 2.48 4.77 -28.87
C PHE D 120 3.72 5.59 -28.45
N VAL D 121 4.53 5.99 -29.43
CA VAL D 121 5.80 6.68 -29.14
C VAL D 121 5.56 8.13 -28.72
N LEU D 122 4.61 8.79 -29.38
CA LEU D 122 4.30 10.18 -29.11
C LEU D 122 3.71 10.37 -27.70
N ARG D 123 2.67 9.60 -27.42
CA ARG D 123 1.99 9.65 -26.12
C ARG D 123 2.93 9.29 -24.97
N LEU D 124 3.82 8.33 -25.21
CA LEU D 124 4.86 7.95 -24.26
C LEU D 124 5.88 9.08 -24.08
N ALA D 125 6.27 9.71 -25.19
CA ALA D 125 7.19 10.84 -25.15
C ALA D 125 6.60 12.03 -24.38
N TYR D 126 5.29 12.24 -24.50
CA TYR D 126 4.63 13.41 -23.95
C TYR D 126 4.41 13.30 -22.45
N ARG D 127 4.16 12.07 -22.01
CA ARG D 127 3.80 11.69 -20.64
C ARG D 127 5.02 11.54 -19.75
N SER D 128 6.08 10.94 -20.30
CA SER D 128 7.26 10.51 -19.53
C SER D 128 8.05 11.66 -18.93
N ASN D 129 9.07 11.30 -18.15
CA ASN D 129 9.99 12.23 -17.52
C ASN D 129 11.39 11.92 -18.06
N PRO D 130 11.75 12.48 -19.26
CA PRO D 130 13.04 12.16 -19.88
C PRO D 130 14.27 12.49 -19.02
N VAL D 131 14.18 13.58 -18.23
CA VAL D 131 15.26 14.08 -17.38
C VAL D 131 15.66 13.11 -16.26
N GLU D 132 14.67 12.37 -15.74
CA GLU D 132 14.87 11.38 -14.68
C GLU D 132 14.92 9.94 -15.19
N GLY D 133 15.01 9.79 -16.51
CA GLY D 133 15.01 8.48 -17.16
C GLY D 133 13.73 7.68 -17.02
N LYS D 134 12.64 8.35 -16.61
CA LYS D 134 11.36 7.69 -16.34
C LYS D 134 10.47 7.65 -17.59
N LEU D 135 10.20 6.43 -18.08
CA LEU D 135 9.16 6.21 -19.07
C LEU D 135 7.89 5.84 -18.37
N ILE D 136 6.80 6.47 -18.80
CA ILE D 136 5.48 6.32 -18.18
C ILE D 136 4.49 5.84 -19.25
N PHE D 137 4.12 4.58 -19.13
CA PHE D 137 3.33 3.93 -20.16
C PHE D 137 1.86 4.21 -19.91
N CYS D 138 0.99 3.72 -20.78
CA CYS D 138 -0.40 4.19 -20.79
C CYS D 138 -1.32 3.60 -19.71
N ASN D 139 -0.89 2.50 -19.10
CA ASN D 139 -1.60 1.91 -17.96
C ASN D 139 -1.13 2.52 -16.64
N GLY D 140 -0.15 3.43 -16.72
CA GLY D 140 0.41 4.11 -15.56
C GLY D 140 1.73 3.56 -15.02
N VAL D 141 2.15 2.40 -15.54
CA VAL D 141 3.46 1.79 -15.20
C VAL D 141 4.64 2.70 -15.55
N VAL D 142 5.48 2.95 -14.55
CA VAL D 142 6.70 3.75 -14.70
C VAL D 142 7.91 2.81 -14.71
N LEU D 143 8.76 2.96 -15.73
CA LEU D 143 10.01 2.18 -15.83
C LEU D 143 11.18 3.08 -16.21
N HIS D 144 12.39 2.70 -15.78
CA HIS D 144 13.60 3.43 -16.15
C HIS D 144 14.09 3.09 -17.55
N ARG D 145 14.67 4.09 -18.21
CA ARG D 145 15.37 3.97 -19.49
C ARG D 145 16.27 2.73 -19.59
N LEU D 146 17.02 2.46 -18.53
CA LEU D 146 17.89 1.28 -18.40
C LEU D 146 17.12 -0.04 -18.27
N GLN D 147 15.93 0.01 -17.66
CA GLN D 147 15.05 -1.17 -17.51
C GLN D 147 14.38 -1.56 -18.82
N CYS D 148 14.25 -0.61 -19.73
CA CYS D 148 13.61 -0.83 -21.01
C CYS D 148 14.58 -1.34 -22.10
N VAL D 149 15.88 -1.24 -21.82
CA VAL D 149 16.95 -1.41 -22.81
C VAL D 149 17.01 -2.80 -23.47
N ARG D 150 16.80 -3.85 -22.68
CA ARG D 150 16.96 -5.22 -23.19
C ARG D 150 15.78 -5.69 -24.04
N GLY D 151 14.62 -5.09 -23.84
CA GLY D 151 13.39 -5.43 -24.57
C GLY D 151 13.10 -4.56 -25.78
N PHE D 152 13.24 -3.25 -25.60
CA PHE D 152 13.04 -2.26 -26.68
C PHE D 152 14.26 -2.17 -27.60
N GLY D 153 15.42 -2.58 -27.09
CA GLY D 153 16.71 -2.36 -27.76
C GLY D 153 17.12 -0.90 -27.65
N GLU D 154 18.11 -0.53 -28.47
CA GLU D 154 18.64 0.86 -28.57
C GLU D 154 17.56 1.92 -28.75
N TRP D 155 16.39 1.47 -29.18
CA TRP D 155 15.26 2.32 -29.54
C TRP D 155 14.73 3.28 -28.45
N ILE D 156 14.64 2.81 -27.19
CA ILE D 156 14.19 3.69 -26.08
C ILE D 156 15.08 4.91 -25.90
N ASP D 157 16.38 4.75 -26.15
CA ASP D 157 17.31 5.87 -26.15
C ASP D 157 16.87 6.92 -27.17
N SER D 158 16.47 6.48 -28.35
CA SER D 158 15.93 7.35 -29.39
C SER D 158 14.57 7.93 -29.00
N ILE D 159 13.76 7.15 -28.31
CA ILE D 159 12.48 7.59 -27.75
C ILE D 159 12.66 8.68 -26.68
N VAL D 160 13.50 8.40 -25.68
CA VAL D 160 13.89 9.34 -24.63
C VAL D 160 14.45 10.65 -25.23
N GLU D 161 15.33 10.55 -26.23
CA GLU D 161 15.82 11.74 -26.95
C GLU D 161 14.69 12.59 -27.56
N PHE D 162 13.77 11.94 -28.25
CA PHE D 162 12.61 12.61 -28.86
C PHE D 162 11.70 13.21 -27.78
N SER D 163 11.55 12.49 -26.67
CA SER D 163 10.79 12.97 -25.52
C SER D 163 11.41 14.25 -24.94
N SER D 164 12.73 14.26 -24.74
CA SER D 164 13.49 15.48 -24.36
C SER D 164 13.21 16.63 -25.32
N ASN D 165 13.33 16.34 -26.63
CA ASN D 165 13.16 17.34 -27.68
C ASN D 165 11.73 17.87 -27.71
N LEU D 166 10.78 16.96 -27.65
CA LEU D 166 9.34 17.26 -27.61
C LEU D 166 8.94 18.10 -26.39
N GLN D 167 9.47 17.73 -25.22
CA GLN D 167 9.12 18.43 -23.99
C GLN D 167 9.79 19.80 -23.83
N ASN D 168 10.93 20.01 -24.48
CA ASN D 168 11.55 21.35 -24.51
C ASN D 168 10.83 22.33 -25.45
N MET D 169 9.90 21.83 -26.26
CA MET D 169 9.02 22.67 -27.06
C MET D 169 7.84 23.23 -26.26
N ASN D 170 7.63 22.68 -25.05
CA ASN D 170 6.58 23.09 -24.10
C ASN D 170 5.23 23.16 -24.79
N ILE D 171 4.76 21.99 -25.19
CA ILE D 171 3.53 21.88 -25.94
C ILE D 171 2.38 21.68 -24.96
N ASP D 172 1.37 22.56 -25.01
CA ASP D 172 0.19 22.41 -24.14
C ASP D 172 -0.77 21.34 -24.67
N ILE D 173 -1.72 20.91 -23.82
CA ILE D 173 -2.66 19.79 -24.10
C ILE D 173 -3.45 19.95 -25.41
N SER D 174 -3.88 21.17 -25.73
CA SER D 174 -4.65 21.46 -26.93
C SER D 174 -3.82 21.24 -28.21
N ALA D 175 -2.60 21.77 -28.21
CA ALA D 175 -1.64 21.58 -29.31
C ALA D 175 -1.17 20.13 -29.42
N PHE D 176 -0.83 19.49 -28.30
CA PHE D 176 -0.48 18.08 -28.36
C PHE D 176 -1.63 17.24 -28.94
N SER D 177 -2.85 17.51 -28.51
CA SER D 177 -4.03 16.76 -28.96
C SER D 177 -4.22 16.79 -30.46
N CYS D 178 -3.89 17.94 -31.06
CA CYS D 178 -3.90 18.12 -32.52
C CYS D 178 -2.82 17.32 -33.24
N ILE D 179 -1.59 17.45 -32.77
CA ILE D 179 -0.42 16.72 -33.32
C ILE D 179 -0.65 15.20 -33.33
N ALA D 180 -1.14 14.66 -32.20
CA ALA D 180 -1.56 13.24 -32.11
C ALA D 180 -2.61 12.87 -33.15
N ALA D 181 -3.68 13.67 -33.26
CA ALA D 181 -4.69 13.43 -34.29
C ALA D 181 -4.12 13.47 -35.72
N LEU D 182 -3.19 14.39 -35.97
CA LEU D 182 -2.49 14.49 -37.26
C LEU D 182 -1.55 13.32 -37.57
N ALA D 183 -1.02 12.66 -36.54
CA ALA D 183 -0.23 11.45 -36.71
C ALA D 183 -1.08 10.30 -37.29
N MET D 184 -2.37 10.33 -37.01
CA MET D 184 -3.24 9.32 -37.55
C MET D 184 -4.07 9.70 -38.76
N VAL D 185 -4.65 10.89 -38.72
CA VAL D 185 -5.42 11.39 -39.85
C VAL D 185 -4.42 11.99 -40.87
N THR D 186 -3.88 11.10 -41.70
CA THR D 186 -2.90 11.42 -42.74
C THR D 186 -3.04 10.46 -43.94
N GLU D 187 -2.46 10.84 -45.07
CA GLU D 187 -2.56 10.05 -46.29
C GLU D 187 -1.83 8.69 -46.16
N ARG D 188 -2.52 7.64 -46.58
CA ARG D 188 -1.99 6.29 -46.59
C ARG D 188 -2.36 5.67 -47.91
N HIS D 189 -1.42 4.89 -48.47
CA HIS D 189 -1.68 4.19 -49.72
C HIS D 189 -2.69 3.09 -49.46
N GLY D 190 -3.78 3.12 -50.24
CA GLY D 190 -4.83 2.12 -50.11
C GLY D 190 -6.04 2.55 -49.30
N LEU D 191 -6.17 3.85 -49.03
CA LEU D 191 -7.40 4.40 -48.47
C LEU D 191 -8.49 4.33 -49.55
N LYS D 192 -9.73 4.07 -49.13
CA LYS D 192 -10.89 4.01 -50.03
C LYS D 192 -11.49 5.39 -50.29
N GLU D 193 -11.36 6.28 -49.31
CA GLU D 193 -11.85 7.66 -49.38
C GLU D 193 -10.72 8.64 -48.93
N PRO D 194 -9.65 8.80 -49.75
CA PRO D 194 -8.51 9.64 -49.32
C PRO D 194 -8.85 11.14 -49.19
N LYS D 195 -9.92 11.56 -49.86
CA LYS D 195 -10.49 12.91 -49.74
C LYS D 195 -11.03 13.22 -48.34
N ARG D 196 -11.81 12.29 -47.77
CA ARG D 196 -12.40 12.45 -46.43
C ARG D 196 -11.34 12.61 -45.34
N VAL D 197 -10.24 11.85 -45.49
CA VAL D 197 -9.07 11.94 -44.60
C VAL D 197 -8.37 13.30 -44.71
N GLU D 198 -8.07 13.74 -45.94
CA GLU D 198 -7.42 15.05 -46.21
C GLU D 198 -8.29 16.21 -45.71
N GLU D 199 -9.61 16.08 -45.84
CA GLU D 199 -10.56 17.06 -45.32
C GLU D 199 -10.44 17.23 -43.81
N LEU D 200 -10.42 16.10 -43.07
CA LEU D 200 -10.30 16.12 -41.62
C LEU D 200 -8.90 16.57 -41.16
N GLN D 201 -7.87 16.14 -41.90
CA GLN D 201 -6.48 16.53 -41.63
C GLN D 201 -6.33 18.05 -41.65
N ASN D 202 -6.90 18.70 -42.67
CA ASN D 202 -6.82 20.15 -42.81
C ASN D 202 -7.57 20.92 -41.73
N LYS D 203 -8.71 20.37 -41.27
CA LYS D 203 -9.47 20.96 -40.15
C LYS D 203 -8.68 20.89 -38.84
N ILE D 204 -8.03 19.74 -38.58
CA ILE D 204 -7.16 19.56 -37.40
C ILE D 204 -5.95 20.52 -37.44
N VAL D 205 -5.33 20.67 -38.62
CA VAL D 205 -4.20 21.60 -38.85
C VAL D 205 -4.68 23.02 -38.55
N ASN D 206 -5.88 23.36 -39.01
CA ASN D 206 -6.45 24.70 -38.86
C ASN D 206 -6.67 25.12 -37.42
N CYS D 207 -7.27 24.25 -36.61
CA CYS D 207 -7.46 24.61 -35.21
C CYS D 207 -6.16 24.50 -34.39
N LEU D 208 -5.21 23.68 -34.85
CA LEU D 208 -3.83 23.78 -34.35
C LEU D 208 -3.20 25.16 -34.61
N LYS D 209 -3.37 25.68 -35.84
CA LYS D 209 -2.88 27.02 -36.24
C LYS D 209 -3.51 28.12 -35.39
N ASP D 210 -4.86 28.15 -35.38
CA ASP D 210 -5.65 29.06 -34.56
C ASP D 210 -5.20 29.08 -33.10
N HIS D 211 -5.07 27.90 -32.50
CA HIS D 211 -4.71 27.76 -31.09
C HIS D 211 -3.30 28.25 -30.75
N VAL D 212 -2.34 28.02 -31.64
CA VAL D 212 -0.97 28.50 -31.43
C VAL D 212 -0.95 30.04 -31.47
N THR D 213 -1.80 30.65 -32.31
CA THR D 213 -1.95 32.13 -32.37
C THR D 213 -2.62 32.68 -31.10
N PHE D 214 -3.62 31.96 -30.59
CA PHE D 214 -4.34 32.31 -29.37
C PHE D 214 -3.44 32.35 -28.12
N ASN D 215 -2.37 31.56 -28.14
CA ASN D 215 -1.25 31.69 -27.19
C ASN D 215 -0.34 32.91 -27.48
N ASN D 216 -0.97 34.07 -27.74
CA ASN D 216 -0.32 35.40 -27.87
C ASN D 216 -1.33 36.51 -27.58
N PRO D 222 4.86 31.12 -35.02
CA PRO D 222 5.18 31.15 -36.45
C PRO D 222 6.22 30.09 -36.90
N ASN D 223 7.50 30.27 -36.54
CA ASN D 223 8.52 29.21 -36.72
C ASN D 223 8.30 28.00 -35.80
N TYR D 224 7.62 28.25 -34.67
CA TYR D 224 7.27 27.23 -33.67
C TYR D 224 6.34 26.15 -34.25
N LEU D 225 5.31 26.60 -34.97
CA LEU D 225 4.38 25.75 -35.72
C LEU D 225 5.11 24.77 -36.65
N SER D 226 6.05 25.31 -37.44
CA SER D 226 6.75 24.51 -38.45
C SER D 226 7.64 23.41 -37.82
N LYS D 227 8.26 23.73 -36.68
CA LYS D 227 9.05 22.76 -35.90
C LYS D 227 8.14 21.79 -35.18
N LEU D 228 6.93 22.25 -34.84
CA LEU D 228 5.88 21.44 -34.21
C LEU D 228 5.32 20.36 -35.16
N LEU D 229 4.99 20.77 -36.40
CA LEU D 229 4.63 19.80 -37.46
C LEU D 229 5.83 19.01 -37.94
N GLY D 230 7.03 19.60 -37.81
CA GLY D 230 8.30 18.90 -37.99
C GLY D 230 8.50 17.71 -37.07
N LYS D 231 7.72 17.65 -35.99
CA LYS D 231 7.78 16.51 -35.07
C LYS D 231 7.13 15.26 -35.66
N LEU D 232 6.27 15.43 -36.67
CA LEU D 232 5.66 14.27 -37.34
C LEU D 232 6.65 13.44 -38.18
N PRO D 233 7.43 14.06 -39.11
CA PRO D 233 8.43 13.25 -39.81
C PRO D 233 9.48 12.64 -38.86
N GLU D 234 9.81 13.33 -37.77
CA GLU D 234 10.70 12.79 -36.73
C GLU D 234 10.07 11.58 -36.05
N LEU D 235 8.74 11.64 -35.84
CA LEU D 235 7.96 10.53 -35.29
C LEU D 235 7.98 9.30 -36.23
N ARG D 236 7.85 9.56 -37.54
CA ARG D 236 7.88 8.54 -38.57
C ARG D 236 9.23 7.79 -38.58
N THR D 237 10.33 8.53 -38.49
CA THR D 237 11.68 7.97 -38.34
C THR D 237 11.78 7.04 -37.11
N LEU D 238 11.30 7.52 -35.96
CA LEU D 238 11.24 6.71 -34.74
C LEU D 238 10.41 5.45 -34.86
N CYS D 239 9.33 5.54 -35.62
CA CYS D 239 8.49 4.38 -35.92
C CYS D 239 9.29 3.29 -36.64
N THR D 240 10.00 3.71 -37.69
CA THR D 240 10.80 2.81 -38.51
C THR D 240 11.82 2.06 -37.65
N GLN D 241 12.42 2.78 -36.70
CA GLN D 241 13.37 2.20 -35.75
C GLN D 241 12.76 1.13 -34.87
N GLY D 242 11.50 1.33 -34.47
CA GLY D 242 10.74 0.35 -33.70
C GLY D 242 10.23 -0.82 -34.51
N LEU D 243 9.66 -0.54 -35.69
CA LEU D 243 9.30 -1.58 -36.66
C LEU D 243 10.48 -2.53 -36.95
N GLN D 244 11.67 -1.94 -37.05
CA GLN D 244 12.93 -2.64 -37.24
C GLN D 244 13.26 -3.64 -36.13
N ARG D 245 13.03 -3.22 -34.87
CA ARG D 245 13.18 -4.09 -33.69
C ARG D 245 12.19 -5.26 -33.70
N ILE D 246 10.95 -4.97 -34.09
CA ILE D 246 9.89 -5.98 -34.20
C ILE D 246 10.25 -7.01 -35.25
N PHE D 247 10.74 -6.52 -36.41
CA PHE D 247 11.16 -7.38 -37.51
C PHE D 247 12.28 -8.31 -37.05
N TYR D 248 13.28 -7.75 -36.36
CA TYR D 248 14.39 -8.53 -35.86
C TYR D 248 13.95 -9.66 -34.95
N LEU D 249 13.06 -9.35 -34.00
CA LEU D 249 12.60 -10.31 -33.00
C LEU D 249 11.83 -11.48 -33.60
N LYS D 250 11.05 -11.17 -34.63
CA LYS D 250 10.21 -12.12 -35.36
C LYS D 250 11.07 -13.07 -36.17
N LEU D 251 12.07 -12.50 -36.83
CA LEU D 251 13.02 -13.24 -37.65
C LEU D 251 13.91 -14.16 -36.79
N GLU D 252 14.53 -13.60 -35.75
CA GLU D 252 15.27 -14.34 -34.70
C GLU D 252 14.45 -15.54 -34.19
N ASP D 253 13.14 -15.32 -33.97
CA ASP D 253 12.13 -16.36 -33.69
C ASP D 253 12.42 -17.20 -32.44
N LEU D 254 13.07 -16.59 -31.45
CA LEU D 254 13.25 -17.25 -30.18
C LEU D 254 12.14 -16.88 -29.20
N VAL D 255 11.75 -15.60 -29.21
CA VAL D 255 10.56 -15.12 -28.48
C VAL D 255 9.62 -14.50 -29.54
N PRO D 256 8.75 -15.33 -30.16
CA PRO D 256 7.82 -14.84 -31.18
C PRO D 256 6.87 -13.80 -30.61
N PRO D 257 6.51 -12.79 -31.43
CA PRO D 257 5.55 -11.80 -30.97
C PRO D 257 4.14 -12.41 -30.88
N PRO D 258 3.25 -11.81 -30.07
CA PRO D 258 1.87 -12.27 -30.03
C PRO D 258 1.17 -12.08 -31.38
N ALA D 259 0.07 -12.82 -31.57
CA ALA D 259 -0.78 -12.79 -32.76
C ALA D 259 -1.17 -11.40 -33.22
N ILE D 260 -1.48 -10.50 -32.28
CA ILE D 260 -1.99 -9.18 -32.62
C ILE D 260 -0.89 -8.26 -33.13
N ILE D 261 0.33 -8.43 -32.62
CA ILE D 261 1.48 -7.68 -33.09
C ILE D 261 1.85 -8.19 -34.48
N ASP D 262 1.83 -9.53 -34.66
CA ASP D 262 1.95 -10.15 -35.99
C ASP D 262 1.01 -9.51 -36.99
N LYS D 263 -0.26 -9.41 -36.58
CA LYS D 263 -1.33 -8.92 -37.44
C LYS D 263 -1.09 -7.50 -37.92
N LEU D 264 -0.93 -6.53 -37.01
CA LEU D 264 -0.70 -5.15 -37.47
C LEU D 264 0.63 -5.01 -38.20
N PHE D 265 1.62 -5.81 -37.82
CA PHE D 265 2.88 -5.80 -38.54
C PHE D 265 2.71 -6.16 -40.02
N LEU D 266 2.01 -7.26 -40.31
CA LEU D 266 1.88 -7.77 -41.68
C LEU D 266 0.95 -6.94 -42.55
N ASP D 267 -0.14 -6.46 -41.95
CA ASP D 267 -1.14 -5.58 -42.59
C ASP D 267 -0.56 -4.30 -43.18
N THR D 268 0.51 -3.84 -42.55
CA THR D 268 0.98 -2.48 -42.61
C THR D 268 2.27 -2.36 -43.42
N LEU D 269 2.99 -3.47 -43.49
CA LEU D 269 4.28 -3.53 -44.15
C LEU D 269 4.12 -3.10 -45.63
N PRO D 270 4.94 -2.12 -46.10
CA PRO D 270 4.75 -1.61 -47.47
C PRO D 270 5.39 -2.46 -48.60
N PHE D 271 6.03 -3.57 -48.27
CA PHE D 271 6.61 -4.47 -49.28
C PHE D 271 6.49 -5.91 -48.79
#